data_9I7K
#
_entry.id   9I7K
#
_cell.length_a   100.744
_cell.length_b   104.195
_cell.length_c   142.593
_cell.angle_alpha   90
_cell.angle_beta   90
_cell.angle_gamma   90
#
_symmetry.space_group_name_H-M   'C 2 2 21'
#
loop_
_entity.id
_entity.type
_entity.pdbx_description
1 polymer '3-oxoacyl-[acyl-carrier-protein] synthase 2'
2 non-polymer 'FORMIC ACID'
3 non-polymer 'DIMETHYL SULFOXIDE'
4 non-polymer ~{N}-[(2~{S})-2-methyl-2-oxidanyl-3-[[(2~{S})-2-pyrrol-1-ylpropanoyl]amino]propyl]-1~{H}-pyrazole-3-carboxamide
5 water water
#
_entity_poly.entity_id   1
_entity_poly.type   'polypeptide(L)'
_entity_poly.pdbx_seq_one_letter_code
;GHMASMSRRRVVITGMGMLSPLGLDVPSSWEGILAGRSGIAPIEHMDLSAYSTRFGGSVKGFNVEEYLSAKEARKLDLFI
QYGLAASFQAVRDSGLEVTDANRERIGVSMGSGIGGLTNIENNCRSLFEQGPRRISPFFVPGSIINMVSGFLSIHLGLQG
PNYALTTAATTGTHSIGMAARNIAYGEADVMVAGGSEMAACGLGLGGFGAARALSTRNDEPTRASRPWDRDRDGFVLSDG
SGALVLEELEHARARGARIYAELVGFGMSGDAFHMTAPPEDGAGAARCMKNALRDAGLDPRQVDYINAHGTSTPAGDIAE
IAAVKSVFGEHAHALSMSSTKSMTGHLLGAAGAVEAIFSVLALRDQVAPPTINLDNPDEGCDLDLVAHEAKPRKIDVALS
NSFGFGGTNGTLVFRRFAD
;
_entity_poly.pdbx_strand_id   B,A
#
loop_
_chem_comp.id
_chem_comp.type
_chem_comp.name
_chem_comp.formula
A1I03 non-polymer ~{N}-[(2~{S})-2-methyl-2-oxidanyl-3-[[(2~{S})-2-pyrrol-1-ylpropanoyl]amino]propyl]-1~{H}-pyrazole-3-carboxamide 'C15 H21 N5 O3'
DMS non-polymer 'DIMETHYL SULFOXIDE' 'C2 H6 O S'
FMT non-polymer 'FORMIC ACID' 'C H2 O2'
#
# COMPACT_ATOMS: atom_id res chain seq x y z
N ARG A 8 -10.06 29.44 -26.98
CA ARG A 8 -9.52 28.15 -26.47
C ARG A 8 -9.75 28.12 -24.95
N ARG A 9 -10.17 26.96 -24.44
CA ARG A 9 -10.37 26.70 -23.02
C ARG A 9 -9.02 26.32 -22.38
N ARG A 10 -8.94 26.54 -21.06
CA ARG A 10 -7.74 26.29 -20.29
C ARG A 10 -7.77 24.86 -19.76
N VAL A 11 -6.57 24.25 -19.66
CA VAL A 11 -6.38 22.85 -19.33
C VAL A 11 -5.48 22.78 -18.11
N VAL A 12 -5.91 21.96 -17.15
CA VAL A 12 -5.19 21.77 -15.90
C VAL A 12 -5.00 20.27 -15.68
N ILE A 13 -3.98 19.97 -14.86
CA ILE A 13 -3.63 18.62 -14.40
C ILE A 13 -4.27 18.42 -13.05
N THR A 14 -5.20 17.46 -12.95
CA THR A 14 -5.92 17.16 -11.72
C THR A 14 -5.54 15.80 -11.16
N GLY A 15 -4.74 14.99 -11.85
CA GLY A 15 -4.39 13.69 -11.34
C GLY A 15 -3.17 13.16 -12.08
N MET A 16 -2.34 12.37 -11.37
CA MET A 16 -1.16 11.78 -11.97
C MET A 16 -1.00 10.37 -11.43
N GLY A 17 -0.35 9.53 -12.23
CA GLY A 17 -0.06 8.15 -11.89
C GLY A 17 1.17 7.64 -12.63
N MET A 18 1.87 6.67 -12.06
CA MET A 18 3.20 6.30 -12.56
C MET A 18 3.65 4.94 -12.06
N LEU A 19 4.30 4.16 -12.94
CA LEU A 19 5.23 3.12 -12.60
C LEU A 19 6.57 3.52 -13.19
N SER A 20 7.65 3.40 -12.45
CA SER A 20 8.98 3.71 -12.96
C SER A 20 10.00 2.79 -12.32
N PRO A 21 11.26 2.79 -12.82
CA PRO A 21 12.32 2.11 -12.09
C PRO A 21 12.64 2.61 -10.67
N LEU A 22 12.12 3.77 -10.26
CA LEU A 22 12.25 4.33 -8.94
C LEU A 22 11.06 4.08 -8.00
N GLY A 23 9.93 3.58 -8.49
CA GLY A 23 8.82 3.23 -7.60
C GLY A 23 7.53 2.94 -8.34
N LEU A 24 6.57 2.39 -7.58
CA LEU A 24 5.30 1.90 -8.13
C LEU A 24 4.19 2.93 -8.06
N ASP A 25 4.52 4.17 -7.73
CA ASP A 25 3.62 5.29 -7.79
C ASP A 25 4.42 6.57 -7.98
N VAL A 26 3.69 7.69 -8.03
CA VAL A 26 4.27 9.01 -8.15
C VAL A 26 5.08 9.39 -6.91
N PRO A 27 4.55 9.34 -5.66
N PRO A 27 4.53 9.34 -5.66
CA PRO A 27 5.32 9.81 -4.51
CA PRO A 27 5.31 9.80 -4.50
C PRO A 27 6.65 9.10 -4.25
C PRO A 27 6.64 9.10 -4.25
N SER A 28 6.65 7.77 -4.40
CA SER A 28 7.86 6.95 -4.29
C SER A 28 8.87 7.23 -5.39
N SER A 29 8.40 7.40 -6.63
CA SER A 29 9.25 7.76 -7.78
C SER A 29 9.91 9.13 -7.57
N TRP A 30 9.11 10.09 -7.14
CA TRP A 30 9.56 11.46 -6.91
C TRP A 30 10.55 11.58 -5.76
N GLU A 31 10.31 10.82 -4.67
CA GLU A 31 11.28 10.74 -3.58
C GLU A 31 12.64 10.28 -4.13
N GLY A 32 12.65 9.22 -4.95
CA GLY A 32 13.86 8.73 -5.59
C GLY A 32 14.55 9.79 -6.47
N ILE A 33 13.77 10.57 -7.23
CA ILE A 33 14.28 11.59 -8.10
C ILE A 33 14.98 12.65 -7.26
N LEU A 34 14.30 13.15 -6.21
CA LEU A 34 14.89 14.21 -5.37
C LEU A 34 16.09 13.75 -4.57
N ALA A 35 16.19 12.47 -4.25
CA ALA A 35 17.36 11.91 -3.57
C ALA A 35 18.51 11.58 -4.53
N GLY A 36 18.34 11.68 -5.87
CA GLY A 36 19.43 11.30 -6.75
C GLY A 36 19.63 9.80 -6.91
N ARG A 37 18.59 8.98 -6.64
CA ARG A 37 18.70 7.54 -6.64
CA ARG A 37 18.68 7.54 -6.65
C ARG A 37 18.62 7.04 -8.10
N SER A 38 19.42 6.02 -8.43
CA SER A 38 19.32 5.36 -9.72
C SER A 38 18.31 4.23 -9.58
N GLY A 39 17.59 3.98 -10.67
CA GLY A 39 16.74 2.81 -10.79
C GLY A 39 17.31 1.74 -11.70
N ILE A 40 18.60 1.86 -12.08
CA ILE A 40 19.18 1.03 -13.15
C ILE A 40 19.89 -0.13 -12.49
N ALA A 41 19.72 -1.35 -12.99
CA ALA A 41 20.29 -2.54 -12.37
C ALA A 41 20.45 -3.63 -13.45
N PRO A 42 21.30 -4.66 -13.26
CA PRO A 42 21.34 -5.83 -14.16
C PRO A 42 19.94 -6.43 -14.27
N ILE A 43 19.50 -6.73 -15.48
CA ILE A 43 18.18 -7.31 -15.71
C ILE A 43 18.17 -8.75 -15.18
N GLU A 44 17.15 -9.11 -14.40
CA GLU A 44 17.00 -10.40 -13.73
C GLU A 44 16.03 -11.34 -14.47
N HIS A 45 15.12 -10.81 -15.31
CA HIS A 45 14.04 -11.60 -15.88
C HIS A 45 14.44 -12.34 -17.14
N MET A 46 15.66 -12.19 -17.69
CA MET A 46 16.09 -13.03 -18.82
C MET A 46 17.61 -13.14 -18.84
N ASP A 47 18.13 -14.09 -19.63
CA ASP A 47 19.56 -14.35 -19.73
C ASP A 47 20.15 -13.48 -20.84
N LEU A 48 20.91 -12.41 -20.47
CA LEU A 48 21.50 -11.49 -21.44
C LEU A 48 22.99 -11.74 -21.69
N SER A 49 23.53 -12.94 -21.38
CA SER A 49 24.95 -13.23 -21.55
C SER A 49 25.46 -13.00 -22.97
N ALA A 50 24.59 -13.22 -23.99
CA ALA A 50 24.90 -12.96 -25.38
C ALA A 50 24.74 -11.49 -25.83
N TYR A 51 24.33 -10.54 -24.97
CA TYR A 51 23.98 -9.19 -25.42
C TYR A 51 25.05 -8.27 -24.90
N SER A 52 25.30 -7.17 -25.60
CA SER A 52 26.35 -6.25 -25.22
C SER A 52 25.88 -5.31 -24.11
N THR A 53 24.56 -5.23 -23.83
CA THR A 53 23.99 -4.51 -22.70
C THR A 53 23.15 -5.47 -21.85
N ARG A 54 23.42 -5.51 -20.53
CA ARG A 54 22.84 -6.49 -19.61
C ARG A 54 22.07 -5.83 -18.48
N PHE A 55 21.74 -4.54 -18.60
CA PHE A 55 21.18 -3.75 -17.53
C PHE A 55 20.12 -2.83 -18.12
N GLY A 56 19.30 -2.31 -17.21
CA GLY A 56 18.16 -1.51 -17.56
C GLY A 56 17.45 -0.98 -16.34
N GLY A 57 16.37 -0.21 -16.58
CA GLY A 57 15.47 0.29 -15.58
C GLY A 57 14.24 -0.60 -15.60
N SER A 58 14.16 -1.56 -14.68
CA SER A 58 12.99 -2.42 -14.54
C SER A 58 12.01 -1.82 -13.52
N VAL A 59 10.73 -2.17 -13.65
CA VAL A 59 9.73 -1.95 -12.62
C VAL A 59 9.90 -3.07 -11.58
N LYS A 60 10.05 -2.71 -10.29
CA LYS A 60 10.34 -3.70 -9.24
C LYS A 60 9.09 -3.98 -8.40
N GLY A 61 8.70 -5.27 -8.26
CA GLY A 61 7.64 -5.67 -7.34
C GLY A 61 6.23 -5.20 -7.74
N PHE A 62 5.99 -4.97 -9.05
CA PHE A 62 4.66 -4.67 -9.56
C PHE A 62 3.69 -5.83 -9.32
N ASN A 63 2.50 -5.48 -8.78
CA ASN A 63 1.42 -6.40 -8.55
C ASN A 63 0.21 -5.88 -9.33
N VAL A 64 0.02 -6.49 -10.52
CA VAL A 64 -1.08 -6.12 -11.38
C VAL A 64 -2.44 -6.34 -10.68
N GLU A 65 -2.51 -7.29 -9.71
CA GLU A 65 -3.73 -7.61 -9.02
C GLU A 65 -4.22 -6.48 -8.09
N GLU A 66 -3.39 -5.45 -7.83
CA GLU A 66 -3.90 -4.22 -7.22
C GLU A 66 -4.88 -3.46 -8.14
N TYR A 67 -4.81 -3.70 -9.46
CA TYR A 67 -5.54 -2.92 -10.46
C TYR A 67 -6.56 -3.75 -11.20
N LEU A 68 -6.25 -5.02 -11.49
CA LEU A 68 -7.10 -5.89 -12.29
C LEU A 68 -7.16 -7.25 -11.62
N SER A 69 -8.25 -7.97 -11.85
CA SER A 69 -8.30 -9.40 -11.54
C SER A 69 -7.22 -10.19 -12.30
N ALA A 70 -6.79 -11.33 -11.71
CA ALA A 70 -5.85 -12.22 -12.36
C ALA A 70 -6.36 -12.66 -13.76
N LYS A 71 -7.70 -12.92 -13.88
CA LYS A 71 -8.46 -13.24 -15.09
C LYS A 71 -8.16 -12.20 -16.19
N GLU A 72 -8.44 -10.91 -15.89
CA GLU A 72 -8.25 -9.79 -16.83
C GLU A 72 -6.76 -9.62 -17.17
N ALA A 73 -5.86 -9.68 -16.16
CA ALA A 73 -4.43 -9.45 -16.34
C ALA A 73 -3.71 -10.45 -17.25
N ARG A 74 -4.09 -11.74 -17.23
CA ARG A 74 -3.45 -12.78 -18.07
C ARG A 74 -3.68 -12.54 -19.60
N LYS A 75 -4.66 -11.74 -19.98
CA LYS A 75 -4.93 -11.36 -21.36
C LYS A 75 -4.00 -10.26 -21.91
N LEU A 76 -3.17 -9.59 -21.08
CA LEU A 76 -2.60 -8.29 -21.41
C LEU A 76 -1.10 -8.36 -21.38
N ASP A 77 -0.42 -7.80 -22.42
CA ASP A 77 1.03 -7.58 -22.36
C ASP A 77 1.38 -6.69 -21.16
N LEU A 78 2.60 -6.84 -20.64
CA LEU A 78 3.09 -5.96 -19.59
C LEU A 78 2.94 -4.47 -19.88
N PHE A 79 3.12 -4.00 -21.14
CA PHE A 79 3.06 -2.58 -21.43
C PHE A 79 1.61 -2.10 -21.17
N ILE A 80 0.62 -2.93 -21.44
CA ILE A 80 -0.77 -2.57 -21.18
C ILE A 80 -1.05 -2.58 -19.67
N GLN A 81 -0.56 -3.60 -18.98
CA GLN A 81 -0.69 -3.63 -17.51
C GLN A 81 -0.11 -2.39 -16.86
N TYR A 82 1.06 -1.97 -17.36
CA TYR A 82 1.71 -0.79 -16.84
C TYR A 82 0.90 0.47 -17.12
N GLY A 83 0.43 0.62 -18.38
CA GLY A 83 -0.34 1.80 -18.73
C GLY A 83 -1.67 1.86 -17.97
N LEU A 84 -2.31 0.70 -17.72
CA LEU A 84 -3.55 0.70 -16.95
C LEU A 84 -3.31 1.11 -15.49
N ALA A 85 -2.22 0.60 -14.90
CA ALA A 85 -1.86 0.93 -13.53
C ALA A 85 -1.67 2.43 -13.39
N ALA A 86 -0.89 3.05 -14.32
CA ALA A 86 -0.65 4.50 -14.26
C ALA A 86 -1.97 5.25 -14.38
N SER A 87 -2.79 4.81 -15.36
CA SER A 87 -4.09 5.38 -15.67
C SER A 87 -5.02 5.33 -14.47
N PHE A 88 -5.14 4.17 -13.84
CA PHE A 88 -6.01 4.05 -12.69
C PHE A 88 -5.55 4.88 -11.52
N GLN A 89 -4.22 4.95 -11.28
CA GLN A 89 -3.71 5.81 -10.24
C GLN A 89 -4.10 7.27 -10.51
N ALA A 90 -3.86 7.73 -11.77
CA ALA A 90 -4.21 9.11 -12.15
C ALA A 90 -5.71 9.43 -11.93
N VAL A 91 -6.59 8.52 -12.33
CA VAL A 91 -8.03 8.73 -12.22
C VAL A 91 -8.46 8.82 -10.74
N ARG A 92 -7.97 7.88 -9.91
CA ARG A 92 -8.17 7.91 -8.46
C ARG A 92 -7.60 9.22 -7.87
N ASP A 93 -6.40 9.60 -8.25
CA ASP A 93 -5.77 10.80 -7.78
C ASP A 93 -6.61 12.03 -8.12
N SER A 94 -7.25 12.02 -9.31
CA SER A 94 -8.10 13.12 -9.74
C SER A 94 -9.37 13.31 -8.89
N GLY A 95 -9.92 12.24 -8.29
CA GLY A 95 -11.20 12.26 -7.59
C GLY A 95 -12.42 12.34 -8.51
N LEU A 96 -12.25 12.20 -9.85
CA LEU A 96 -13.36 12.31 -10.78
C LEU A 96 -14.31 11.13 -10.59
N GLU A 97 -15.60 11.42 -10.60
CA GLU A 97 -16.67 10.44 -10.65
C GLU A 97 -17.22 10.45 -12.07
N VAL A 98 -17.15 9.28 -12.74
CA VAL A 98 -17.70 9.10 -14.08
C VAL A 98 -19.21 8.84 -13.95
N THR A 99 -20.08 9.63 -14.62
CA THR A 99 -21.55 9.49 -14.65
C THR A 99 -22.06 9.44 -16.10
N ASP A 100 -23.41 9.28 -16.24
CA ASP A 100 -24.05 9.39 -17.57
C ASP A 100 -23.94 10.81 -18.16
N ALA A 101 -23.89 11.84 -17.29
CA ALA A 101 -23.82 13.21 -17.75
C ALA A 101 -22.43 13.59 -18.27
N ASN A 102 -21.36 12.85 -17.92
CA ASN A 102 -20.00 13.24 -18.31
C ASN A 102 -19.28 12.16 -19.11
N ARG A 103 -19.75 10.91 -19.21
CA ARG A 103 -18.94 9.83 -19.74
C ARG A 103 -18.55 10.02 -21.20
N GLU A 104 -19.42 10.67 -22.00
CA GLU A 104 -19.10 11.01 -23.37
C GLU A 104 -18.05 12.12 -23.48
N ARG A 105 -17.78 12.88 -22.39
CA ARG A 105 -16.84 13.99 -22.34
C ARG A 105 -15.50 13.60 -21.74
N ILE A 106 -15.30 12.32 -21.39
CA ILE A 106 -14.07 11.79 -20.84
C ILE A 106 -13.50 10.81 -21.87
N GLY A 107 -12.30 11.10 -22.38
CA GLY A 107 -11.58 10.17 -23.24
C GLY A 107 -10.21 9.76 -22.70
N VAL A 108 -9.47 9.06 -23.60
CA VAL A 108 -8.17 8.55 -23.29
C VAL A 108 -7.25 8.55 -24.53
N SER A 109 -6.01 8.92 -24.25
CA SER A 109 -4.91 8.88 -25.18
C SER A 109 -3.65 8.38 -24.46
N MET A 110 -3.44 7.08 -24.40
CA MET A 110 -2.27 6.43 -23.85
C MET A 110 -1.59 5.72 -25.00
N GLY A 111 -0.34 6.06 -25.24
CA GLY A 111 0.44 5.51 -26.31
C GLY A 111 1.58 4.63 -25.84
N SER A 112 2.35 4.19 -26.84
CA SER A 112 3.52 3.37 -26.63
C SER A 112 4.37 3.50 -27.89
N GLY A 113 5.68 3.44 -27.71
CA GLY A 113 6.61 3.53 -28.83
C GLY A 113 6.67 2.22 -29.61
N ILE A 114 6.78 1.11 -28.87
CA ILE A 114 7.09 -0.22 -29.39
C ILE A 114 5.92 -1.17 -29.10
N GLY A 115 5.15 -0.96 -28.00
CA GLY A 115 3.97 -1.79 -27.74
C GLY A 115 4.35 -3.18 -27.27
N GLY A 116 3.67 -4.22 -27.77
CA GLY A 116 3.62 -5.52 -27.10
C GLY A 116 4.77 -6.43 -27.57
N LEU A 117 6.02 -5.96 -27.51
CA LEU A 117 7.18 -6.64 -28.07
C LEU A 117 7.49 -7.93 -27.30
N THR A 118 7.30 -7.94 -25.99
CA THR A 118 7.45 -9.12 -25.15
C THR A 118 6.45 -10.18 -25.60
N ASN A 119 5.16 -9.83 -25.67
CA ASN A 119 4.14 -10.76 -26.15
C ASN A 119 4.46 -11.31 -27.52
N ILE A 120 4.93 -10.45 -28.43
CA ILE A 120 5.23 -10.86 -29.80
C ILE A 120 6.36 -11.91 -29.81
N GLU A 121 7.43 -11.64 -29.07
CA GLU A 121 8.57 -12.54 -28.92
C GLU A 121 8.14 -13.89 -28.34
N ASN A 122 7.32 -13.90 -27.27
CA ASN A 122 6.84 -15.16 -26.68
C ASN A 122 5.95 -15.97 -27.62
N ASN A 123 5.05 -15.29 -28.36
CA ASN A 123 4.20 -15.96 -29.34
C ASN A 123 5.02 -16.42 -30.55
N CYS A 124 6.10 -15.73 -30.96
CA CYS A 124 6.98 -16.21 -32.01
C CYS A 124 7.69 -17.51 -31.65
N ARG A 125 8.10 -17.63 -30.39
CA ARG A 125 8.68 -18.87 -29.90
C ARG A 125 7.67 -20.02 -30.06
N SER A 126 6.44 -19.88 -29.53
CA SER A 126 5.39 -20.89 -29.67
C SER A 126 5.12 -21.21 -31.16
N LEU A 127 5.02 -20.17 -32.01
CA LEU A 127 4.81 -20.31 -33.44
C LEU A 127 5.91 -21.14 -34.10
N PHE A 128 7.18 -20.79 -33.93
CA PHE A 128 8.27 -21.49 -34.61
C PHE A 128 8.48 -22.90 -34.08
N GLU A 129 8.24 -23.12 -32.76
CA GLU A 129 8.42 -24.42 -32.14
C GLU A 129 7.27 -25.35 -32.54
N GLN A 130 6.01 -24.91 -32.38
CA GLN A 130 4.84 -25.78 -32.45
C GLN A 130 3.82 -25.41 -33.54
N GLY A 131 4.03 -24.33 -34.34
CA GLY A 131 3.06 -23.85 -35.31
C GLY A 131 1.96 -23.00 -34.66
N PRO A 132 1.03 -22.44 -35.48
CA PRO A 132 0.08 -21.40 -35.01
C PRO A 132 -1.03 -21.73 -34.02
N ARG A 133 -1.30 -23.04 -33.80
CA ARG A 133 -2.24 -23.51 -32.79
C ARG A 133 -1.89 -23.11 -31.34
N ARG A 134 -0.61 -22.82 -31.03
CA ARG A 134 -0.20 -22.36 -29.70
C ARG A 134 -0.47 -20.87 -29.45
N ILE A 135 -0.79 -20.04 -30.47
CA ILE A 135 -0.90 -18.60 -30.30
C ILE A 135 -2.13 -18.32 -29.45
N SER A 136 -2.02 -17.39 -28.50
CA SER A 136 -3.11 -17.12 -27.60
C SER A 136 -4.26 -16.50 -28.42
N PRO A 137 -5.55 -16.79 -28.12
CA PRO A 137 -6.66 -16.01 -28.64
C PRO A 137 -6.68 -14.53 -28.25
N PHE A 138 -6.00 -14.20 -27.14
CA PHE A 138 -5.87 -12.81 -26.70
C PHE A 138 -4.64 -12.13 -27.30
N PHE A 139 -3.85 -12.79 -28.17
CA PHE A 139 -2.59 -12.25 -28.65
C PHE A 139 -2.82 -10.86 -29.27
N VAL A 140 -3.74 -10.73 -30.24
CA VAL A 140 -3.92 -9.43 -30.91
C VAL A 140 -4.45 -8.38 -29.95
N PRO A 141 -5.65 -8.54 -29.29
CA PRO A 141 -6.16 -7.47 -28.41
C PRO A 141 -5.29 -7.22 -27.18
N GLY A 142 -4.46 -8.20 -26.77
CA GLY A 142 -3.61 -8.03 -25.63
C GLY A 142 -2.25 -7.41 -25.94
N SER A 143 -1.93 -7.13 -27.21
CA SER A 143 -0.60 -6.71 -27.64
C SER A 143 -0.57 -5.41 -28.42
N ILE A 144 -1.70 -4.96 -28.95
CA ILE A 144 -1.69 -3.80 -29.84
C ILE A 144 -1.70 -2.55 -28.94
N ILE A 145 -1.13 -1.48 -29.48
CA ILE A 145 -0.81 -0.29 -28.72
C ILE A 145 -2.07 0.40 -28.20
N ASN A 146 -3.17 0.43 -28.98
CA ASN A 146 -4.37 1.15 -28.55
C ASN A 146 -5.17 0.46 -27.46
N MET A 147 -4.72 -0.69 -26.91
CA MET A 147 -5.51 -1.42 -25.93
C MET A 147 -5.32 -0.88 -24.51
N VAL A 148 -4.35 0.04 -24.23
CA VAL A 148 -4.40 0.80 -22.98
C VAL A 148 -5.62 1.71 -22.94
N SER A 149 -5.76 2.54 -23.97
CA SER A 149 -6.95 3.35 -24.19
C SER A 149 -8.22 2.49 -24.23
N GLY A 150 -8.18 1.40 -24.99
CA GLY A 150 -9.31 0.49 -25.10
C GLY A 150 -9.74 -0.08 -23.74
N PHE A 151 -8.83 -0.79 -23.03
CA PHE A 151 -9.15 -1.40 -21.74
C PHE A 151 -9.53 -0.34 -20.69
N LEU A 152 -8.87 0.83 -20.66
CA LEU A 152 -9.24 1.85 -19.69
C LEU A 152 -10.67 2.33 -19.88
N SER A 153 -11.03 2.59 -21.15
CA SER A 153 -12.36 3.04 -21.49
C SER A 153 -13.44 2.02 -21.08
N ILE A 154 -13.15 0.73 -21.26
CA ILE A 154 -14.09 -0.34 -20.91
C ILE A 154 -14.25 -0.42 -19.38
N HIS A 155 -13.11 -0.47 -18.66
CA HIS A 155 -13.10 -0.58 -17.21
C HIS A 155 -13.74 0.63 -16.53
N LEU A 156 -13.54 1.86 -17.02
CA LEU A 156 -14.13 3.05 -16.42
C LEU A 156 -15.41 3.58 -17.04
N GLY A 157 -15.85 3.04 -18.18
CA GLY A 157 -17.03 3.53 -18.90
C GLY A 157 -16.79 4.86 -19.60
N LEU A 158 -15.59 5.09 -20.18
CA LEU A 158 -15.26 6.37 -20.78
C LEU A 158 -15.62 6.31 -22.27
N GLN A 159 -16.42 7.24 -22.78
CA GLN A 159 -16.98 7.19 -24.13
C GLN A 159 -16.53 8.33 -25.02
N GLY A 160 -15.66 9.20 -24.54
CA GLY A 160 -15.08 10.27 -25.32
C GLY A 160 -13.97 9.78 -26.22
N PRO A 161 -13.23 10.71 -26.84
CA PRO A 161 -12.17 10.38 -27.79
C PRO A 161 -11.22 9.30 -27.27
N ASN A 162 -11.02 8.26 -28.07
CA ASN A 162 -10.30 7.09 -27.68
C ASN A 162 -9.24 6.81 -28.72
N TYR A 163 -7.96 6.97 -28.40
CA TYR A 163 -6.95 6.82 -29.42
C TYR A 163 -5.60 6.63 -28.76
N ALA A 164 -4.57 6.36 -29.59
CA ALA A 164 -3.24 6.10 -29.14
C ALA A 164 -2.25 6.62 -30.19
N LEU A 165 -1.23 7.28 -29.66
CA LEU A 165 -0.09 7.78 -30.41
C LEU A 165 1.00 6.72 -30.36
N THR A 166 1.90 6.72 -31.35
CA THR A 166 3.13 5.96 -31.33
C THR A 166 4.14 6.81 -32.10
N THR A 167 4.90 7.64 -31.38
CA THR A 167 5.92 8.51 -31.97
C THR A 167 7.25 8.31 -31.25
N ALA A 168 7.62 7.03 -31.14
CA ALA A 168 8.91 6.67 -30.58
C ALA A 168 9.08 7.33 -29.20
N ALA A 169 10.24 7.96 -28.95
CA ALA A 169 10.53 8.58 -27.66
C ALA A 169 9.67 9.81 -27.39
N THR A 170 8.93 10.31 -28.40
CA THR A 170 8.05 11.46 -28.22
C THR A 170 6.64 11.07 -27.82
N THR A 171 6.30 9.77 -27.78
CA THR A 171 4.92 9.32 -27.62
C THR A 171 4.19 9.96 -26.46
N GLY A 172 4.84 9.93 -25.28
CA GLY A 172 4.18 10.42 -24.07
C GLY A 172 3.90 11.93 -24.11
N THR A 173 4.84 12.69 -24.69
CA THR A 173 4.73 14.12 -24.87
C THR A 173 3.59 14.47 -25.85
N HIS A 174 3.52 13.76 -26.97
CA HIS A 174 2.53 13.99 -27.97
C HIS A 174 1.17 13.54 -27.46
N SER A 175 1.12 12.45 -26.71
CA SER A 175 -0.15 11.96 -26.15
C SER A 175 -0.80 13.01 -25.24
N ILE A 176 0.02 13.65 -24.39
CA ILE A 176 -0.46 14.64 -23.46
C ILE A 176 -0.88 15.88 -24.23
N GLY A 177 -0.02 16.36 -25.12
CA GLY A 177 -0.32 17.59 -25.85
C GLY A 177 -1.57 17.49 -26.72
N MET A 178 -1.76 16.39 -27.45
CA MET A 178 -2.97 16.21 -28.24
C MET A 178 -4.23 15.98 -27.40
N ALA A 179 -4.12 15.30 -26.26
CA ALA A 179 -5.24 15.25 -25.32
C ALA A 179 -5.66 16.64 -24.82
N ALA A 180 -4.67 17.49 -24.48
CA ALA A 180 -4.93 18.87 -24.06
C ALA A 180 -5.63 19.65 -25.15
N ARG A 181 -5.14 19.53 -26.41
CA ARG A 181 -5.83 20.07 -27.59
C ARG A 181 -7.30 19.64 -27.70
N ASN A 182 -7.62 18.37 -27.44
CA ASN A 182 -9.01 17.92 -27.47
C ASN A 182 -9.86 18.73 -26.48
N ILE A 183 -9.33 18.99 -25.29
CA ILE A 183 -10.04 19.72 -24.27
C ILE A 183 -10.12 21.20 -24.62
N ALA A 184 -9.03 21.80 -25.07
CA ALA A 184 -8.94 23.20 -25.42
C ALA A 184 -9.98 23.58 -26.48
N TYR A 185 -10.25 22.68 -27.43
CA TYR A 185 -11.19 22.95 -28.52
C TYR A 185 -12.53 22.24 -28.34
N GLY A 186 -12.87 21.75 -27.15
CA GLY A 186 -14.26 21.42 -26.81
C GLY A 186 -14.68 19.98 -27.16
N GLU A 187 -13.75 19.12 -27.63
CA GLU A 187 -14.07 17.75 -28.03
C GLU A 187 -14.13 16.85 -26.79
N ALA A 188 -13.61 17.29 -25.63
CA ALA A 188 -13.73 16.53 -24.38
C ALA A 188 -13.49 17.49 -23.21
N ASP A 189 -14.01 17.15 -22.03
CA ASP A 189 -13.79 17.90 -20.80
C ASP A 189 -12.60 17.33 -20.00
N VAL A 190 -12.43 16.01 -20.07
CA VAL A 190 -11.39 15.28 -19.36
C VAL A 190 -10.69 14.32 -20.35
N MET A 191 -9.36 14.21 -20.24
CA MET A 191 -8.63 13.16 -20.94
C MET A 191 -7.58 12.56 -20.02
N VAL A 192 -7.46 11.23 -20.07
CA VAL A 192 -6.40 10.49 -19.43
C VAL A 192 -5.33 10.30 -20.49
N ALA A 193 -4.11 10.84 -20.29
CA ALA A 193 -3.11 10.79 -21.34
C ALA A 193 -1.73 10.49 -20.78
N GLY A 194 -0.94 9.80 -21.58
CA GLY A 194 0.40 9.43 -21.17
C GLY A 194 0.91 8.34 -22.11
N GLY A 195 1.74 7.48 -21.53
CA GLY A 195 2.35 6.41 -22.28
C GLY A 195 2.88 5.33 -21.39
N SER A 196 3.11 4.16 -21.96
CA SER A 196 3.71 3.04 -21.25
C SER A 196 4.62 2.27 -22.20
N GLU A 197 5.56 1.56 -21.60
CA GLU A 197 6.51 0.78 -22.36
C GLU A 197 7.08 -0.35 -21.53
N MET A 198 7.21 -1.54 -22.13
CA MET A 198 7.95 -2.65 -21.59
CA MET A 198 8.02 -2.61 -21.58
C MET A 198 8.68 -3.29 -22.77
N ALA A 199 9.86 -2.83 -23.12
CA ALA A 199 10.57 -3.33 -24.29
C ALA A 199 11.85 -4.04 -23.88
N ALA A 200 11.96 -4.49 -22.60
CA ALA A 200 13.13 -5.22 -22.09
C ALA A 200 12.93 -6.72 -22.41
N CYS A 201 13.14 -7.02 -23.69
CA CYS A 201 13.12 -8.37 -24.24
C CYS A 201 14.35 -8.44 -25.17
N GLY A 202 14.61 -9.61 -25.73
CA GLY A 202 15.74 -9.81 -26.62
C GLY A 202 15.67 -8.91 -27.87
N LEU A 203 14.46 -8.73 -28.42
CA LEU A 203 14.31 -7.84 -29.55
C LEU A 203 14.58 -6.38 -29.19
N GLY A 204 14.19 -5.90 -27.99
CA GLY A 204 14.46 -4.52 -27.62
C GLY A 204 15.94 -4.29 -27.33
N LEU A 205 16.50 -5.04 -26.39
CA LEU A 205 17.92 -4.94 -26.10
C LEU A 205 18.79 -5.27 -27.31
N GLY A 206 18.44 -6.32 -28.07
CA GLY A 206 19.17 -6.69 -29.28
C GLY A 206 19.01 -5.69 -30.43
N GLY A 207 17.81 -5.14 -30.61
CA GLY A 207 17.54 -4.14 -31.62
C GLY A 207 18.26 -2.82 -31.38
N PHE A 208 18.12 -2.30 -30.17
CA PHE A 208 18.85 -1.09 -29.81
C PHE A 208 20.36 -1.34 -29.74
N GLY A 209 20.83 -2.49 -29.27
CA GLY A 209 22.25 -2.90 -29.37
C GLY A 209 22.80 -2.99 -30.80
N ALA A 210 22.00 -3.49 -31.75
CA ALA A 210 22.41 -3.57 -33.15
C ALA A 210 22.54 -2.17 -33.74
N ALA A 211 21.67 -1.25 -33.36
CA ALA A 211 21.75 0.16 -33.74
C ALA A 211 22.87 0.94 -33.02
N ARG A 212 23.63 0.32 -32.07
CA ARG A 212 24.68 0.96 -31.27
C ARG A 212 24.09 2.13 -30.47
N ALA A 213 22.85 1.98 -29.95
CA ALA A 213 22.15 3.05 -29.26
C ALA A 213 22.35 3.02 -27.75
N LEU A 214 22.69 1.84 -27.19
CA LEU A 214 22.68 1.62 -25.74
C LEU A 214 24.07 1.82 -25.15
N SER A 215 24.13 2.38 -23.93
CA SER A 215 25.32 2.25 -23.10
C SER A 215 25.59 0.77 -22.85
N THR A 216 26.91 0.44 -22.90
CA THR A 216 27.47 -0.87 -22.61
C THR A 216 28.30 -0.88 -21.31
N ARG A 217 28.03 0.02 -20.35
CA ARG A 217 28.74 0.06 -19.08
C ARG A 217 28.11 -0.95 -18.10
N ASN A 218 28.28 -2.24 -18.41
CA ASN A 218 27.71 -3.31 -17.60
C ASN A 218 28.35 -3.44 -16.21
N ASP A 219 29.62 -3.01 -16.07
CA ASP A 219 30.35 -3.02 -14.81
C ASP A 219 29.81 -2.00 -13.79
N GLU A 220 29.13 -0.91 -14.19
CA GLU A 220 28.61 0.12 -13.29
C GLU A 220 27.27 0.60 -13.84
N PRO A 221 26.18 -0.21 -13.74
CA PRO A 221 24.88 0.16 -14.34
C PRO A 221 24.33 1.51 -13.89
N THR A 222 24.53 1.87 -12.61
CA THR A 222 24.01 3.12 -12.06
C THR A 222 24.75 4.35 -12.60
N ARG A 223 25.95 4.19 -13.12
CA ARG A 223 26.76 5.24 -13.78
C ARG A 223 26.57 5.31 -15.31
N ALA A 224 25.72 4.47 -15.91
CA ALA A 224 25.70 4.30 -17.36
C ALA A 224 25.02 5.51 -18.00
N SER A 225 23.85 5.90 -17.46
CA SER A 225 23.11 7.05 -17.92
C SER A 225 23.73 8.31 -17.34
N ARG A 226 24.39 9.10 -18.17
CA ARG A 226 25.17 10.28 -17.76
C ARG A 226 24.99 11.38 -18.82
N PRO A 227 23.78 11.95 -18.91
CA PRO A 227 23.52 13.02 -19.85
C PRO A 227 24.51 14.21 -19.78
N TRP A 228 25.06 14.61 -20.94
CA TRP A 228 26.01 15.71 -21.10
C TRP A 228 27.39 15.43 -20.52
N ASP A 229 27.64 14.23 -19.96
CA ASP A 229 28.95 13.88 -19.45
C ASP A 229 29.80 13.48 -20.67
N ARG A 230 31.10 13.79 -20.59
CA ARG A 230 31.98 13.50 -21.72
C ARG A 230 32.15 12.01 -22.03
N ASP A 231 31.92 11.10 -21.06
CA ASP A 231 32.07 9.67 -21.20
C ASP A 231 30.73 8.98 -21.42
N ARG A 232 29.64 9.72 -21.72
CA ARG A 232 28.40 9.08 -22.16
C ARG A 232 28.60 8.25 -23.45
N ASP A 233 27.84 7.15 -23.57
CA ASP A 233 27.99 6.12 -24.60
C ASP A 233 26.65 5.49 -24.99
N GLY A 234 25.54 6.23 -24.91
CA GLY A 234 24.24 5.69 -25.24
C GLY A 234 23.28 5.67 -24.06
N PHE A 235 22.02 5.39 -24.38
CA PHE A 235 20.96 5.54 -23.43
C PHE A 235 20.84 4.22 -22.68
N VAL A 236 19.98 4.29 -21.65
CA VAL A 236 19.69 3.11 -20.86
C VAL A 236 18.23 2.83 -21.10
N LEU A 237 17.92 1.60 -21.42
CA LEU A 237 16.57 1.16 -21.69
C LEU A 237 15.85 0.92 -20.40
N SER A 238 14.66 1.53 -20.28
CA SER A 238 13.85 1.46 -19.07
C SER A 238 12.38 1.23 -19.41
N ASP A 239 11.66 0.73 -18.40
CA ASP A 239 10.27 0.32 -18.52
C ASP A 239 9.43 1.18 -17.58
N GLY A 240 8.16 1.31 -17.90
CA GLY A 240 7.18 1.86 -16.98
C GLY A 240 6.09 2.63 -17.70
N SER A 241 5.52 3.62 -17.03
CA SER A 241 4.30 4.27 -17.50
C SER A 241 4.08 5.55 -16.72
N GLY A 242 3.45 6.51 -17.37
CA GLY A 242 2.94 7.72 -16.78
C GLY A 242 1.60 8.08 -17.36
N ALA A 243 0.63 8.53 -16.54
CA ALA A 243 -0.69 9.02 -16.96
C ALA A 243 -1.01 10.31 -16.20
N LEU A 244 -1.57 11.28 -16.90
CA LEU A 244 -2.15 12.48 -16.33
C LEU A 244 -3.65 12.49 -16.61
N VAL A 245 -4.43 13.00 -15.65
CA VAL A 245 -5.78 13.48 -15.92
C VAL A 245 -5.66 14.97 -16.24
N LEU A 246 -5.98 15.27 -17.49
CA LEU A 246 -6.13 16.61 -18.02
C LEU A 246 -7.63 16.97 -17.95
N GLU A 247 -7.95 18.21 -17.57
CA GLU A 247 -9.32 18.63 -17.32
C GLU A 247 -9.48 20.10 -17.68
N GLU A 248 -10.64 20.43 -18.31
CA GLU A 248 -10.97 21.82 -18.58
C GLU A 248 -11.09 22.59 -17.25
N LEU A 249 -10.53 23.81 -17.17
CA LEU A 249 -10.41 24.53 -15.89
C LEU A 249 -11.74 24.69 -15.14
N GLU A 250 -12.77 25.17 -15.85
CA GLU A 250 -14.09 25.40 -15.26
C GLU A 250 -14.75 24.12 -14.76
N HIS A 251 -14.60 23.01 -15.49
CA HIS A 251 -14.97 21.67 -15.04
C HIS A 251 -14.27 21.28 -13.73
N ALA A 252 -12.94 21.50 -13.64
CA ALA A 252 -12.18 21.22 -12.41
C ALA A 252 -12.66 22.10 -11.25
N ARG A 253 -12.79 23.41 -11.48
CA ARG A 253 -13.25 24.37 -10.45
C ARG A 253 -14.65 23.99 -9.91
N ALA A 254 -15.57 23.60 -10.81
CA ALA A 254 -16.97 23.33 -10.44
C ALA A 254 -17.09 22.16 -9.46
N ARG A 255 -16.27 21.11 -9.62
CA ARG A 255 -16.28 19.97 -8.71
C ARG A 255 -15.26 20.13 -7.57
N GLY A 256 -14.51 21.24 -7.48
CA GLY A 256 -13.55 21.47 -6.42
C GLY A 256 -12.31 20.60 -6.51
N ALA A 257 -11.86 20.21 -7.72
CA ALA A 257 -10.63 19.44 -7.92
C ALA A 257 -9.38 20.17 -7.44
N ARG A 258 -8.43 19.40 -6.92
CA ARG A 258 -7.09 19.88 -6.68
C ARG A 258 -6.37 20.00 -8.03
N ILE A 259 -5.87 21.20 -8.35
CA ILE A 259 -5.17 21.47 -9.57
C ILE A 259 -3.68 21.46 -9.22
N TYR A 260 -2.89 20.62 -9.89
CA TYR A 260 -1.44 20.58 -9.73
C TYR A 260 -0.77 21.71 -10.49
N ALA A 261 -1.19 21.95 -11.73
CA ALA A 261 -0.56 22.91 -12.60
C ALA A 261 -1.44 23.10 -13.83
N GLU A 262 -1.11 24.17 -14.57
CA GLU A 262 -1.77 24.42 -15.85
C GLU A 262 -0.88 23.91 -17.00
N LEU A 263 -1.48 23.18 -17.96
CA LEU A 263 -0.83 22.86 -19.22
C LEU A 263 -1.14 24.01 -20.19
N VAL A 264 -0.14 24.86 -20.42
CA VAL A 264 -0.32 26.14 -21.12
C VAL A 264 0.11 26.01 -22.58
N GLY A 265 1.10 25.15 -22.93
CA GLY A 265 1.62 25.15 -24.27
C GLY A 265 1.97 23.74 -24.74
N PHE A 266 1.81 23.50 -26.02
CA PHE A 266 2.26 22.28 -26.69
C PHE A 266 2.80 22.64 -28.04
N GLY A 267 4.02 22.18 -28.33
CA GLY A 267 4.66 22.39 -29.62
C GLY A 267 5.02 21.05 -30.25
N MET A 268 5.03 21.02 -31.59
CA MET A 268 5.51 19.90 -32.38
CA MET A 268 5.50 19.89 -32.38
C MET A 268 6.36 20.41 -33.54
N SER A 269 7.28 19.57 -33.99
CA SER A 269 8.04 19.83 -35.19
C SER A 269 8.63 18.52 -35.68
N GLY A 270 9.11 18.54 -36.94
CA GLY A 270 9.89 17.45 -37.53
C GLY A 270 11.25 18.05 -37.90
N ASP A 271 12.34 17.41 -37.55
CA ASP A 271 13.66 17.78 -38.07
C ASP A 271 13.76 17.70 -39.60
N ALA A 272 13.14 16.66 -40.22
CA ALA A 272 13.37 16.33 -41.62
C ALA A 272 14.86 16.24 -41.97
N PHE A 273 15.61 15.49 -41.16
CA PHE A 273 17.04 15.46 -41.22
C PHE A 273 17.48 14.01 -41.42
N HIS A 274 17.24 13.13 -40.45
CA HIS A 274 17.78 11.77 -40.43
C HIS A 274 16.88 10.87 -39.57
N MET A 275 16.83 9.56 -39.90
CA MET A 275 15.98 8.59 -39.21
C MET A 275 16.31 8.52 -37.70
N THR A 276 17.62 8.59 -37.35
CA THR A 276 18.09 8.38 -35.98
C THR A 276 18.99 9.49 -35.45
N ALA A 277 19.54 10.39 -36.25
CA ALA A 277 20.52 11.38 -35.79
C ALA A 277 19.83 12.72 -35.78
N PRO A 278 20.03 13.59 -34.78
CA PRO A 278 19.50 14.95 -34.84
C PRO A 278 20.43 15.85 -35.63
N PRO A 279 19.95 17.01 -36.14
CA PRO A 279 20.85 18.02 -36.69
C PRO A 279 21.73 18.58 -35.55
N GLU A 280 23.02 18.82 -35.86
CA GLU A 280 24.00 19.24 -34.87
C GLU A 280 23.58 20.49 -34.09
N ASP A 281 22.89 21.42 -34.77
CA ASP A 281 22.37 22.64 -34.13
C ASP A 281 21.03 22.44 -33.39
N GLY A 282 20.44 21.24 -33.37
CA GLY A 282 19.10 21.05 -32.81
C GLY A 282 18.04 22.03 -33.33
N ALA A 283 18.04 22.32 -34.64
CA ALA A 283 17.17 23.32 -35.23
C ALA A 283 15.71 22.88 -35.13
N GLY A 284 15.42 21.58 -35.24
CA GLY A 284 14.06 21.12 -35.06
C GLY A 284 13.54 21.23 -33.64
N ALA A 285 14.41 20.88 -32.66
CA ALA A 285 14.09 21.05 -31.26
C ALA A 285 13.87 22.51 -30.90
N ALA A 286 14.69 23.42 -31.51
CA ALA A 286 14.51 24.84 -31.34
C ALA A 286 13.14 25.28 -31.82
N ARG A 287 12.73 24.86 -33.02
N ARG A 287 12.72 24.85 -33.02
CA ARG A 287 11.43 25.28 -33.58
CA ARG A 287 11.42 25.30 -33.54
C ARG A 287 10.31 24.72 -32.69
C ARG A 287 10.30 24.73 -32.68
N CYS A 288 10.46 23.50 -32.21
CA CYS A 288 9.49 22.86 -31.33
C CYS A 288 9.33 23.60 -30.00
N MET A 289 10.42 23.93 -29.33
CA MET A 289 10.32 24.72 -28.10
C MET A 289 9.64 26.09 -28.34
N LYS A 290 10.07 26.83 -29.38
CA LYS A 290 9.48 28.10 -29.76
C LYS A 290 7.98 27.98 -30.05
N ASN A 291 7.59 26.93 -30.77
CA ASN A 291 6.18 26.67 -31.01
C ASN A 291 5.40 26.47 -29.74
N ALA A 292 5.98 25.74 -28.77
CA ALA A 292 5.30 25.52 -27.50
C ALA A 292 5.21 26.82 -26.69
N LEU A 293 6.27 27.65 -26.67
CA LEU A 293 6.23 28.91 -25.94
C LEU A 293 5.23 29.88 -26.56
N ARG A 294 5.22 29.95 -27.89
CA ARG A 294 4.25 30.73 -28.64
C ARG A 294 2.84 30.29 -28.31
N ASP A 295 2.59 28.97 -28.31
CA ASP A 295 1.31 28.38 -27.95
C ASP A 295 0.87 28.81 -26.54
N ALA A 296 1.82 28.88 -25.58
CA ALA A 296 1.51 29.26 -24.21
C ALA A 296 1.44 30.74 -24.00
N GLY A 297 1.89 31.54 -24.97
CA GLY A 297 1.88 32.99 -24.84
C GLY A 297 2.98 33.48 -23.91
N LEU A 298 4.14 32.78 -23.95
CA LEU A 298 5.20 33.01 -22.99
C LEU A 298 6.45 33.44 -23.76
N ASP A 299 7.19 34.37 -23.16
CA ASP A 299 8.54 34.71 -23.62
C ASP A 299 9.52 33.63 -23.13
N PRO A 300 10.61 33.30 -23.87
CA PRO A 300 11.65 32.43 -23.33
C PRO A 300 12.15 32.75 -21.90
N ARG A 301 12.23 34.04 -21.57
CA ARG A 301 12.69 34.51 -20.27
C ARG A 301 11.81 34.11 -19.07
N GLN A 302 10.57 33.67 -19.28
CA GLN A 302 9.69 33.27 -18.20
C GLN A 302 9.90 31.79 -17.82
N VAL A 303 10.74 31.04 -18.56
CA VAL A 303 10.98 29.63 -18.32
C VAL A 303 12.03 29.56 -17.20
N ASP A 304 11.70 28.73 -16.18
CA ASP A 304 12.58 28.52 -15.03
C ASP A 304 13.27 27.16 -15.05
N TYR A 305 12.50 26.11 -15.44
CA TYR A 305 12.97 24.73 -15.42
C TYR A 305 12.68 24.06 -16.77
N ILE A 306 13.68 23.35 -17.32
CA ILE A 306 13.52 22.46 -18.43
C ILE A 306 13.85 21.06 -17.98
N ASN A 307 12.88 20.13 -18.12
CA ASN A 307 13.14 18.69 -18.10
C ASN A 307 13.52 18.29 -19.53
N ALA A 308 14.83 18.07 -19.71
CA ALA A 308 15.42 17.80 -21.01
C ALA A 308 15.03 16.42 -21.49
N HIS A 309 15.14 16.22 -22.82
CA HIS A 309 15.12 14.88 -23.35
C HIS A 309 16.33 14.09 -22.82
N GLY A 310 17.55 14.65 -23.00
CA GLY A 310 18.75 14.27 -22.28
C GLY A 310 18.97 12.79 -22.09
N THR A 311 19.14 12.03 -23.19
CA THR A 311 19.11 10.55 -23.14
C THR A 311 20.45 9.92 -22.85
N SER A 312 21.56 10.70 -22.79
CA SER A 312 22.92 10.19 -22.61
C SER A 312 23.47 9.63 -23.92
N THR A 313 23.07 10.18 -25.11
CA THR A 313 23.73 9.88 -26.38
C THR A 313 24.73 10.98 -26.75
N PRO A 314 25.84 10.66 -27.44
CA PRO A 314 26.80 11.71 -27.87
C PRO A 314 26.15 12.87 -28.62
N ALA A 315 25.51 12.59 -29.77
CA ALA A 315 24.95 13.61 -30.65
C ALA A 315 23.71 14.25 -30.03
N GLY A 316 22.80 13.47 -29.41
CA GLY A 316 21.53 14.04 -28.97
C GLY A 316 21.66 15.09 -27.88
N ASP A 317 22.47 14.80 -26.85
CA ASP A 317 22.62 15.68 -25.72
C ASP A 317 23.17 17.06 -26.13
N ILE A 318 24.20 17.10 -26.99
CA ILE A 318 24.81 18.37 -27.37
C ILE A 318 23.86 19.16 -28.30
N ALA A 319 23.15 18.49 -29.21
CA ALA A 319 22.13 19.13 -30.04
C ALA A 319 21.02 19.77 -29.21
N GLU A 320 20.67 19.16 -28.04
CA GLU A 320 19.66 19.74 -27.16
C GLU A 320 20.20 21.02 -26.50
N ILE A 321 21.48 21.04 -26.07
CA ILE A 321 22.08 22.27 -25.53
C ILE A 321 22.05 23.34 -26.62
N ALA A 322 22.49 23.04 -27.84
CA ALA A 322 22.49 24.04 -28.92
C ALA A 322 21.08 24.61 -29.18
N ALA A 323 20.03 23.74 -29.18
CA ALA A 323 18.66 24.20 -29.28
C ALA A 323 18.26 25.15 -28.15
N VAL A 324 18.60 24.82 -26.91
CA VAL A 324 18.28 25.66 -25.74
C VAL A 324 19.02 27.00 -25.81
N LYS A 325 20.30 27.02 -26.14
CA LYS A 325 21.02 28.28 -26.34
C LYS A 325 20.39 29.14 -27.45
N SER A 326 19.97 28.52 -28.56
CA SER A 326 19.31 29.24 -29.64
CA SER A 326 19.29 29.23 -29.65
C SER A 326 17.97 29.86 -29.19
N VAL A 327 17.12 29.09 -28.46
CA VAL A 327 15.80 29.58 -28.08
C VAL A 327 15.92 30.64 -26.98
N PHE A 328 16.73 30.37 -25.96
CA PHE A 328 16.73 31.13 -24.71
C PHE A 328 17.78 32.25 -24.69
N GLY A 329 18.86 32.17 -25.48
CA GLY A 329 19.90 33.20 -25.51
C GLY A 329 20.60 33.31 -24.16
N GLU A 330 20.74 34.52 -23.64
CA GLU A 330 21.39 34.73 -22.34
C GLU A 330 20.62 34.10 -21.18
N HIS A 331 19.29 34.04 -21.28
CA HIS A 331 18.45 33.35 -20.31
C HIS A 331 18.71 31.83 -20.22
N ALA A 332 19.38 31.24 -21.21
CA ALA A 332 19.85 29.86 -21.09
C ALA A 332 20.74 29.65 -19.89
N HIS A 333 21.45 30.71 -19.44
CA HIS A 333 22.30 30.68 -18.26
C HIS A 333 21.57 31.02 -16.98
N ALA A 334 20.27 31.38 -16.98
CA ALA A 334 19.51 31.63 -15.76
C ALA A 334 18.56 30.49 -15.44
N LEU A 335 18.00 29.82 -16.45
CA LEU A 335 17.15 28.65 -16.20
C LEU A 335 18.01 27.49 -15.65
N SER A 336 17.33 26.48 -15.12
CA SER A 336 17.91 25.20 -14.77
C SER A 336 17.31 24.16 -15.73
N MET A 337 18.15 23.27 -16.19
CA MET A 337 17.77 22.21 -17.09
C MET A 337 18.35 20.94 -16.50
N SER A 338 17.56 19.88 -16.35
CA SER A 338 18.11 18.59 -15.94
C SER A 338 17.48 17.46 -16.74
N SER A 339 18.21 16.33 -16.80
CA SER A 339 17.67 15.08 -17.28
C SER A 339 17.46 14.13 -16.12
N THR A 340 16.17 13.81 -15.89
CA THR A 340 15.83 12.76 -14.95
C THR A 340 16.10 11.35 -15.50
N LYS A 341 16.41 11.23 -16.81
CA LYS A 341 16.94 9.98 -17.37
C LYS A 341 18.26 9.55 -16.76
N SER A 342 19.02 10.48 -16.17
CA SER A 342 20.20 10.15 -15.38
C SER A 342 19.88 9.08 -14.31
N MET A 343 18.65 9.11 -13.77
CA MET A 343 18.19 8.22 -12.72
C MET A 343 17.22 7.15 -13.21
N THR A 344 16.26 7.51 -14.10
CA THR A 344 15.23 6.58 -14.56
C THR A 344 15.70 5.73 -15.72
N GLY A 345 16.72 6.21 -16.48
CA GLY A 345 16.94 5.71 -17.82
C GLY A 345 15.82 6.21 -18.75
N HIS A 346 15.84 5.66 -19.96
CA HIS A 346 14.98 6.09 -21.07
C HIS A 346 13.80 5.16 -21.15
N LEU A 347 12.62 5.64 -20.72
CA LEU A 347 11.39 4.87 -20.75
C LEU A 347 10.70 4.85 -22.13
N LEU A 348 11.33 5.38 -23.15
CA LEU A 348 10.90 5.26 -24.53
C LEU A 348 9.56 5.98 -24.72
N GLY A 349 8.50 5.28 -25.12
CA GLY A 349 7.23 5.96 -25.29
C GLY A 349 6.59 6.47 -23.98
N ALA A 350 7.03 6.02 -22.80
CA ALA A 350 6.54 6.55 -21.53
C ALA A 350 7.41 7.68 -21.05
N ALA A 351 8.60 7.94 -21.64
CA ALA A 351 9.53 8.95 -21.15
C ALA A 351 8.88 10.30 -20.96
N GLY A 352 8.18 10.74 -22.01
CA GLY A 352 7.52 12.02 -21.96
C GLY A 352 6.39 12.13 -20.93
N ALA A 353 5.74 11.00 -20.61
CA ALA A 353 4.65 10.98 -19.65
C ALA A 353 5.22 11.13 -18.24
N VAL A 354 6.25 10.34 -17.90
CA VAL A 354 6.85 10.42 -16.59
C VAL A 354 7.57 11.76 -16.43
N GLU A 355 8.18 12.28 -17.50
CA GLU A 355 8.85 13.57 -17.43
C GLU A 355 7.90 14.76 -17.33
N ALA A 356 6.71 14.66 -17.93
CA ALA A 356 5.68 15.63 -17.68
C ALA A 356 5.30 15.63 -16.21
N ILE A 357 5.13 14.45 -15.58
CA ILE A 357 4.86 14.38 -14.15
C ILE A 357 5.98 15.01 -13.29
N PHE A 358 7.25 14.75 -13.59
CA PHE A 358 8.37 15.38 -12.88
C PHE A 358 8.42 16.90 -13.03
N SER A 359 8.06 17.43 -14.18
CA SER A 359 7.96 18.84 -14.43
C SER A 359 6.86 19.48 -13.58
N VAL A 360 5.68 18.83 -13.54
CA VAL A 360 4.61 19.31 -12.69
C VAL A 360 5.04 19.31 -11.20
N LEU A 361 5.64 18.21 -10.75
CA LEU A 361 6.13 18.16 -9.35
C LEU A 361 7.26 19.15 -9.04
N ALA A 362 8.12 19.45 -9.99
CA ALA A 362 9.07 20.54 -9.87
C ALA A 362 8.40 21.89 -9.58
N LEU A 363 7.26 22.14 -10.26
CA LEU A 363 6.38 23.24 -9.97
C LEU A 363 5.77 23.15 -8.57
N ARG A 364 5.19 22.00 -8.20
CA ARG A 364 4.55 21.86 -6.90
C ARG A 364 5.59 22.13 -5.79
N ASP A 365 6.80 21.57 -5.91
CA ASP A 365 7.77 21.56 -4.83
C ASP A 365 8.82 22.64 -4.93
N GLN A 366 8.88 23.42 -6.03
CA GLN A 366 9.91 24.45 -6.16
C GLN A 366 11.31 23.85 -6.03
N VAL A 367 11.58 22.83 -6.85
CA VAL A 367 12.84 22.15 -6.87
C VAL A 367 13.10 21.57 -8.26
N ALA A 368 14.34 21.81 -8.75
CA ALA A 368 14.83 21.33 -10.01
C ALA A 368 15.46 19.98 -9.70
N PRO A 369 14.97 18.86 -10.26
CA PRO A 369 15.60 17.59 -10.03
C PRO A 369 17.02 17.49 -10.59
N PRO A 370 17.94 16.66 -10.03
CA PRO A 370 19.33 16.61 -10.50
C PRO A 370 19.52 15.89 -11.83
N THR A 371 20.61 16.25 -12.52
CA THR A 371 21.23 15.34 -13.48
C THR A 371 22.35 14.61 -12.72
N ILE A 372 22.12 13.36 -12.29
CA ILE A 372 23.21 12.59 -11.69
C ILE A 372 24.18 12.12 -12.76
N ASN A 373 25.34 11.70 -12.29
CA ASN A 373 26.42 11.14 -13.06
C ASN A 373 27.13 12.20 -13.91
N LEU A 374 26.85 13.50 -13.75
CA LEU A 374 27.41 14.55 -14.57
C LEU A 374 28.74 15.01 -13.97
N ASP A 375 29.71 14.10 -14.09
CA ASP A 375 31.02 14.22 -13.47
C ASP A 375 31.86 15.27 -14.23
N ASN A 376 31.90 15.17 -15.56
CA ASN A 376 32.78 15.97 -16.42
C ASN A 376 31.94 16.45 -17.59
N PRO A 377 31.23 17.60 -17.44
CA PRO A 377 30.40 18.12 -18.53
C PRO A 377 31.23 18.29 -19.80
N ASP A 378 30.63 17.90 -20.91
CA ASP A 378 31.29 17.96 -22.20
C ASP A 378 31.43 19.42 -22.69
N GLU A 379 32.22 19.60 -23.77
CA GLU A 379 32.40 20.89 -24.46
C GLU A 379 31.04 21.52 -24.81
N GLY A 380 30.80 22.76 -24.39
CA GLY A 380 29.57 23.48 -24.64
C GLY A 380 28.43 23.17 -23.66
N CYS A 381 28.60 22.23 -22.72
CA CYS A 381 27.57 21.85 -21.76
C CYS A 381 27.76 22.67 -20.48
N ASP A 382 27.68 24.00 -20.61
CA ASP A 382 28.07 24.98 -19.62
C ASP A 382 26.84 25.66 -19.00
N LEU A 383 25.61 25.12 -19.15
CA LEU A 383 24.42 25.67 -18.55
C LEU A 383 24.29 25.15 -17.13
N ASP A 384 23.30 25.64 -16.37
CA ASP A 384 22.95 25.01 -15.11
C ASP A 384 22.19 23.71 -15.42
N LEU A 385 22.94 22.60 -15.37
CA LEU A 385 22.45 21.26 -15.62
C LEU A 385 22.13 20.52 -14.33
N VAL A 386 22.12 21.22 -13.19
CA VAL A 386 21.71 20.67 -11.90
C VAL A 386 22.52 19.42 -11.60
N ALA A 387 23.85 19.52 -11.77
CA ALA A 387 24.69 18.35 -11.63
C ALA A 387 24.54 17.80 -10.19
N HIS A 388 24.26 16.50 -10.06
CA HIS A 388 24.49 15.71 -8.85
C HIS A 388 23.39 15.83 -7.79
N GLU A 389 22.90 17.00 -7.45
CA GLU A 389 22.02 17.23 -6.31
C GLU A 389 20.83 18.08 -6.73
N ALA A 390 19.61 17.76 -6.24
CA ALA A 390 18.44 18.59 -6.45
C ALA A 390 18.69 20.04 -6.02
N LYS A 391 18.04 20.98 -6.69
CA LYS A 391 18.22 22.40 -6.43
C LYS A 391 16.88 23.06 -6.12
N PRO A 392 16.59 23.43 -4.84
CA PRO A 392 15.49 24.34 -4.53
C PRO A 392 15.69 25.65 -5.28
N ARG A 393 14.64 26.15 -5.95
CA ARG A 393 14.64 27.44 -6.62
C ARG A 393 13.18 27.80 -6.98
N LYS A 394 12.98 29.06 -7.39
CA LYS A 394 11.74 29.57 -7.99
C LYS A 394 11.52 28.84 -9.33
N ILE A 395 10.37 28.18 -9.47
CA ILE A 395 9.92 27.61 -10.75
C ILE A 395 8.47 28.03 -10.96
N ASP A 396 8.21 28.98 -11.87
CA ASP A 396 6.88 29.36 -12.33
C ASP A 396 6.43 28.56 -13.57
N VAL A 397 7.40 28.34 -14.48
CA VAL A 397 7.17 27.72 -15.76
C VAL A 397 8.21 26.61 -15.95
N ALA A 398 7.72 25.41 -16.31
CA ALA A 398 8.52 24.23 -16.52
C ALA A 398 8.20 23.71 -17.94
N LEU A 399 9.24 23.39 -18.71
CA LEU A 399 9.14 22.88 -20.06
C LEU A 399 9.69 21.46 -20.08
N SER A 400 9.07 20.56 -20.86
CA SER A 400 9.47 19.18 -21.00
C SER A 400 9.62 18.87 -22.47
N ASN A 401 10.81 18.38 -22.87
CA ASN A 401 11.15 18.05 -24.24
C ASN A 401 11.21 16.53 -24.46
N SER A 402 10.76 16.11 -25.65
CA SER A 402 11.02 14.79 -26.17
C SER A 402 11.30 14.87 -27.66
N PHE A 403 12.32 14.12 -28.11
CA PHE A 403 12.76 14.06 -29.51
C PHE A 403 12.94 12.59 -29.83
N GLY A 404 12.37 12.13 -30.94
CA GLY A 404 12.32 10.70 -31.24
C GLY A 404 12.89 10.43 -32.62
N PHE A 405 13.11 9.14 -32.88
CA PHE A 405 13.38 8.62 -34.21
C PHE A 405 12.39 9.12 -35.24
N GLY A 406 12.92 9.37 -36.45
CA GLY A 406 12.19 10.06 -37.52
C GLY A 406 12.29 11.58 -37.42
N GLY A 407 13.02 12.10 -36.42
CA GLY A 407 13.05 13.54 -36.21
C GLY A 407 11.79 14.13 -35.63
N THR A 408 10.97 13.36 -34.89
CA THR A 408 9.68 13.85 -34.41
C THR A 408 9.91 14.49 -33.03
N ASN A 409 9.44 15.71 -32.82
CA ASN A 409 9.74 16.52 -31.66
C ASN A 409 8.45 16.98 -31.01
N GLY A 410 8.45 17.02 -29.67
CA GLY A 410 7.37 17.57 -28.90
C GLY A 410 7.85 18.29 -27.66
N THR A 411 7.14 19.34 -27.27
CA THR A 411 7.46 20.09 -26.08
C THR A 411 6.13 20.38 -25.39
N LEU A 412 6.11 20.22 -24.07
CA LEU A 412 5.03 20.69 -23.24
C LEU A 412 5.54 21.81 -22.34
N VAL A 413 4.62 22.74 -22.02
CA VAL A 413 4.89 23.87 -21.15
C VAL A 413 3.84 23.84 -20.05
N PHE A 414 4.30 23.68 -18.79
CA PHE A 414 3.45 23.72 -17.61
C PHE A 414 3.68 25.00 -16.83
N ARG A 415 2.62 25.51 -16.18
CA ARG A 415 2.73 26.72 -15.38
C ARG A 415 2.11 26.48 -14.00
N ARG A 416 2.64 27.13 -12.95
CA ARG A 416 1.93 27.20 -11.68
C ARG A 416 0.58 27.83 -11.92
N PHE A 417 -0.48 27.32 -11.26
CA PHE A 417 -1.83 27.76 -11.59
C PHE A 417 -2.29 28.98 -10.74
N ALA A 418 -2.82 30.02 -11.45
CA ALA A 418 -3.63 31.10 -10.90
C ALA A 418 -4.25 31.92 -12.04
N ARG B 9 -7.83 -2.71 44.88
CA ARG B 9 -8.45 -4.08 44.79
C ARG B 9 -7.80 -4.82 43.62
N ARG B 10 -7.42 -6.10 43.86
CA ARG B 10 -6.61 -6.90 42.96
C ARG B 10 -7.56 -7.67 42.03
N VAL B 11 -7.09 -7.86 40.79
CA VAL B 11 -7.87 -8.42 39.70
C VAL B 11 -7.19 -9.67 39.19
N VAL B 12 -7.94 -10.77 39.12
CA VAL B 12 -7.41 -12.03 38.66
C VAL B 12 -8.25 -12.54 37.50
N ILE B 13 -7.68 -13.50 36.71
CA ILE B 13 -8.34 -14.11 35.58
C ILE B 13 -8.82 -15.49 36.03
N THR B 14 -10.13 -15.73 36.06
CA THR B 14 -10.68 -17.00 36.53
C THR B 14 -11.31 -17.83 35.41
N GLY B 15 -11.46 -17.27 34.21
CA GLY B 15 -12.10 -18.01 33.11
C GLY B 15 -11.63 -17.44 31.79
N MET B 16 -11.52 -18.27 30.74
CA MET B 16 -11.19 -17.80 29.42
C MET B 16 -11.99 -18.58 28.37
N GLY B 17 -12.24 -17.93 27.22
CA GLY B 17 -12.97 -18.50 26.09
C GLY B 17 -12.50 -17.90 24.77
N MET B 18 -12.60 -18.67 23.69
CA MET B 18 -12.04 -18.22 22.44
C MET B 18 -12.64 -18.96 21.25
N LEU B 19 -12.80 -18.24 20.12
CA LEU B 19 -12.83 -18.78 18.77
C LEU B 19 -11.65 -18.17 18.05
N SER B 20 -10.86 -18.98 17.35
CA SER B 20 -9.75 -18.47 16.56
C SER B 20 -9.61 -19.28 15.28
N PRO B 21 -8.76 -18.85 14.36
CA PRO B 21 -8.37 -19.71 13.23
C PRO B 21 -7.68 -21.04 13.57
N LEU B 22 -7.20 -21.21 14.81
CA LEU B 22 -6.57 -22.41 15.31
C LEU B 22 -7.48 -23.33 16.11
N GLY B 23 -8.71 -22.92 16.46
CA GLY B 23 -9.62 -23.84 17.12
C GLY B 23 -10.85 -23.14 17.69
N LEU B 24 -11.82 -23.96 18.09
CA LEU B 24 -13.12 -23.52 18.55
C LEU B 24 -13.18 -23.33 20.07
N ASP B 25 -12.03 -23.44 20.74
CA ASP B 25 -11.93 -23.13 22.15
C ASP B 25 -10.49 -22.74 22.47
N VAL B 26 -10.23 -22.49 23.76
CA VAL B 26 -8.90 -22.12 24.22
C VAL B 26 -7.91 -23.29 24.11
N PRO B 27 -8.18 -24.50 24.65
N PRO B 27 -8.17 -24.52 24.65
CA PRO B 27 -7.17 -25.56 24.62
CA PRO B 27 -7.18 -25.58 24.62
C PRO B 27 -6.71 -25.97 23.23
C PRO B 27 -6.71 -25.99 23.22
N SER B 28 -7.64 -26.07 22.27
CA SER B 28 -7.33 -26.40 20.86
C SER B 28 -6.53 -25.27 20.19
N SER B 29 -6.92 -24.01 20.46
CA SER B 29 -6.17 -22.85 19.97
C SER B 29 -4.71 -22.85 20.49
N TRP B 30 -4.54 -23.01 21.82
CA TRP B 30 -3.24 -23.00 22.48
C TRP B 30 -2.34 -24.15 22.03
N GLU B 31 -2.92 -25.35 21.81
CA GLU B 31 -2.24 -26.49 21.22
C GLU B 31 -1.62 -26.10 19.88
N GLY B 32 -2.45 -25.47 19.01
CA GLY B 32 -1.99 -24.94 17.74
C GLY B 32 -0.83 -23.96 17.88
N ILE B 33 -0.94 -23.02 18.82
CA ILE B 33 0.05 -21.99 19.04
C ILE B 33 1.38 -22.63 19.42
N LEU B 34 1.38 -23.53 20.41
CA LEU B 34 2.60 -24.18 20.86
C LEU B 34 3.26 -25.10 19.82
N ALA B 35 2.47 -25.64 18.89
CA ALA B 35 2.98 -26.46 17.80
C ALA B 35 3.47 -25.60 16.63
N GLY B 36 3.32 -24.26 16.62
CA GLY B 36 3.67 -23.48 15.43
C GLY B 36 2.74 -23.70 14.23
N ARG B 37 1.47 -24.07 14.45
CA ARG B 37 0.53 -24.33 13.37
CA ARG B 37 0.51 -24.35 13.39
C ARG B 37 -0.01 -23.00 12.86
N SER B 38 -0.20 -22.86 11.53
CA SER B 38 -0.89 -21.73 10.94
C SER B 38 -2.39 -21.97 10.93
N GLY B 39 -3.18 -20.93 11.19
CA GLY B 39 -4.61 -21.00 10.92
C GLY B 39 -5.07 -20.37 9.61
N ILE B 40 -4.15 -20.03 8.70
CA ILE B 40 -4.41 -19.17 7.57
C ILE B 40 -4.64 -20.08 6.39
N ALA B 41 -5.67 -19.79 5.59
CA ALA B 41 -5.99 -20.62 4.44
C ALA B 41 -6.74 -19.77 3.41
N PRO B 42 -6.86 -20.22 2.14
CA PRO B 42 -7.78 -19.60 1.18
C PRO B 42 -9.20 -19.53 1.77
N ILE B 43 -9.86 -18.38 1.57
CA ILE B 43 -11.19 -18.16 2.09
C ILE B 43 -12.19 -18.98 1.27
N GLU B 44 -13.08 -19.72 1.95
CA GLU B 44 -14.01 -20.65 1.30
C GLU B 44 -15.40 -20.07 1.14
N HIS B 45 -15.84 -19.16 2.03
CA HIS B 45 -17.21 -18.71 2.13
C HIS B 45 -17.55 -17.60 1.14
N MET B 46 -16.60 -17.06 0.36
CA MET B 46 -16.96 -16.14 -0.72
C MET B 46 -15.95 -16.27 -1.85
N ASP B 47 -16.38 -15.78 -3.03
CA ASP B 47 -15.62 -15.90 -4.24
C ASP B 47 -14.69 -14.68 -4.33
N LEU B 48 -13.41 -14.88 -4.00
CA LEU B 48 -12.45 -13.80 -4.01
C LEU B 48 -11.54 -13.84 -5.26
N SER B 49 -11.93 -14.56 -6.34
CA SER B 49 -11.07 -14.68 -7.52
C SER B 49 -10.76 -13.31 -8.17
N ALA B 50 -11.57 -12.26 -8.00
CA ALA B 50 -11.21 -10.90 -8.43
C ALA B 50 -10.50 -10.03 -7.36
N TYR B 51 -10.05 -10.56 -6.20
CA TYR B 51 -9.48 -9.73 -5.13
C TYR B 51 -7.98 -9.97 -5.12
N SER B 52 -7.22 -9.04 -4.59
CA SER B 52 -5.77 -9.14 -4.52
C SER B 52 -5.33 -10.00 -3.32
N THR B 53 -6.21 -10.18 -2.33
CA THR B 53 -5.95 -11.07 -1.20
C THR B 53 -7.10 -12.07 -1.17
N ARG B 54 -6.75 -13.38 -1.15
CA ARG B 54 -7.77 -14.43 -1.27
C ARG B 54 -7.71 -15.41 -0.12
N PHE B 55 -7.03 -15.06 0.96
CA PHE B 55 -6.81 -15.92 2.11
C PHE B 55 -6.95 -15.09 3.37
N GLY B 56 -7.09 -15.81 4.47
CA GLY B 56 -7.25 -15.23 5.81
C GLY B 56 -7.41 -16.32 6.86
N GLY B 57 -7.72 -15.91 8.09
CA GLY B 57 -7.84 -16.81 9.22
C GLY B 57 -9.32 -16.88 9.57
N SER B 58 -9.96 -17.94 9.07
CA SER B 58 -11.37 -18.18 9.33
C SER B 58 -11.53 -19.02 10.59
N VAL B 59 -12.66 -18.87 11.25
CA VAL B 59 -13.10 -19.83 12.24
C VAL B 59 -13.70 -20.99 11.44
N LYS B 60 -13.21 -22.22 11.69
CA LYS B 60 -13.60 -23.40 10.92
C LYS B 60 -14.56 -24.27 11.72
N GLY B 61 -15.73 -24.61 11.12
CA GLY B 61 -16.66 -25.53 11.75
C GLY B 61 -17.40 -24.95 12.97
N PHE B 62 -17.53 -23.60 13.10
CA PHE B 62 -18.32 -23.04 14.20
C PHE B 62 -19.80 -23.43 14.08
N ASN B 63 -20.38 -23.95 15.18
CA ASN B 63 -21.78 -24.23 15.30
C ASN B 63 -22.37 -23.33 16.38
N VAL B 64 -23.07 -22.28 15.94
CA VAL B 64 -23.73 -21.37 16.87
C VAL B 64 -24.78 -22.07 17.74
N GLU B 65 -25.36 -23.18 17.26
CA GLU B 65 -26.35 -23.98 17.96
C GLU B 65 -25.82 -24.67 19.19
N GLU B 66 -24.49 -24.78 19.36
CA GLU B 66 -23.90 -25.15 20.64
C GLU B 66 -24.18 -24.10 21.73
N TYR B 67 -24.47 -22.85 21.38
CA TYR B 67 -24.59 -21.73 22.30
C TYR B 67 -25.99 -21.16 22.35
N LEU B 68 -26.66 -21.05 21.20
CA LEU B 68 -27.93 -20.36 21.07
C LEU B 68 -28.88 -21.22 20.27
N SER B 69 -30.19 -20.96 20.42
CA SER B 69 -31.19 -21.45 19.48
C SER B 69 -30.98 -20.84 18.08
N ALA B 70 -31.42 -21.56 17.05
CA ALA B 70 -31.42 -21.07 15.68
C ALA B 70 -32.22 -19.75 15.54
N LYS B 71 -33.37 -19.64 16.24
CA LYS B 71 -34.21 -18.44 16.32
C LYS B 71 -33.37 -17.24 16.79
N GLU B 72 -32.66 -17.35 17.94
CA GLU B 72 -31.88 -16.24 18.51
C GLU B 72 -30.68 -15.94 17.62
N ALA B 73 -29.98 -16.96 17.10
CA ALA B 73 -28.81 -16.78 16.25
C ALA B 73 -29.11 -16.08 14.92
N ARG B 74 -30.27 -16.32 14.27
CA ARG B 74 -30.65 -15.67 13.00
C ARG B 74 -30.80 -14.14 13.13
N LYS B 75 -31.08 -13.64 14.35
CA LYS B 75 -31.10 -12.22 14.65
C LYS B 75 -29.72 -11.53 14.74
N LEU B 76 -28.58 -12.23 14.75
CA LEU B 76 -27.29 -11.65 15.18
C LEU B 76 -26.26 -11.79 14.09
N ASP B 77 -25.46 -10.72 13.86
CA ASP B 77 -24.27 -10.81 13.02
C ASP B 77 -23.28 -11.85 13.58
N LEU B 78 -22.49 -12.44 12.70
CA LEU B 78 -21.46 -13.38 13.10
C LEU B 78 -20.54 -12.85 14.20
N PHE B 79 -20.18 -11.55 14.20
CA PHE B 79 -19.22 -11.01 15.18
C PHE B 79 -19.89 -11.15 16.54
N ILE B 80 -21.22 -10.97 16.65
CA ILE B 80 -21.90 -11.13 17.92
C ILE B 80 -21.96 -12.59 18.34
N GLN B 81 -22.28 -13.48 17.36
CA GLN B 81 -22.23 -14.91 17.64
C GLN B 81 -20.88 -15.35 18.17
N TYR B 82 -19.79 -14.87 17.52
CA TYR B 82 -18.47 -15.21 17.99
C TYR B 82 -18.20 -14.69 19.42
N GLY B 83 -18.58 -13.43 19.68
CA GLY B 83 -18.32 -12.84 20.99
C GLY B 83 -19.10 -13.56 22.09
N LEU B 84 -20.35 -13.93 21.79
CA LEU B 84 -21.14 -14.73 22.70
C LEU B 84 -20.54 -16.09 22.99
N ALA B 85 -20.10 -16.79 21.95
CA ALA B 85 -19.45 -18.09 22.12
C ALA B 85 -18.27 -18.02 23.09
N ALA B 86 -17.35 -17.06 22.87
CA ALA B 86 -16.16 -16.89 23.72
C ALA B 86 -16.57 -16.52 25.17
N SER B 87 -17.57 -15.67 25.30
CA SER B 87 -18.10 -15.21 26.56
C SER B 87 -18.74 -16.37 27.31
N PHE B 88 -19.58 -17.15 26.65
CA PHE B 88 -20.13 -18.34 27.28
C PHE B 88 -19.08 -19.33 27.74
N GLN B 89 -18.04 -19.54 26.95
CA GLN B 89 -16.99 -20.46 27.33
C GLN B 89 -16.25 -19.94 28.56
N ALA B 90 -15.93 -18.63 28.59
CA ALA B 90 -15.21 -18.02 29.71
C ALA B 90 -16.03 -18.13 31.01
N VAL B 91 -17.32 -17.78 30.98
CA VAL B 91 -18.18 -17.90 32.14
C VAL B 91 -18.23 -19.35 32.65
N ARG B 92 -18.42 -20.33 31.73
CA ARG B 92 -18.42 -21.75 32.08
C ARG B 92 -17.09 -22.12 32.72
N ASP B 93 -15.98 -21.72 32.09
CA ASP B 93 -14.65 -22.03 32.55
C ASP B 93 -14.43 -21.46 33.96
N SER B 94 -15.02 -20.29 34.26
CA SER B 94 -14.87 -19.63 35.54
C SER B 94 -15.50 -20.43 36.69
N GLY B 95 -16.59 -21.20 36.42
CA GLY B 95 -17.37 -21.88 37.45
C GLY B 95 -18.35 -20.95 38.19
N LEU B 96 -18.42 -19.65 37.83
CA LEU B 96 -19.20 -18.67 38.55
C LEU B 96 -20.68 -19.01 38.45
N GLU B 97 -21.36 -18.91 39.59
CA GLU B 97 -22.81 -19.10 39.70
C GLU B 97 -23.41 -17.72 39.88
N VAL B 98 -24.23 -17.27 38.90
CA VAL B 98 -24.92 -16.00 38.94
C VAL B 98 -26.19 -16.17 39.80
N THR B 99 -26.40 -15.28 40.79
CA THR B 99 -27.56 -15.25 41.70
C THR B 99 -28.03 -13.80 41.90
N ASP B 100 -29.16 -13.66 42.62
CA ASP B 100 -29.67 -12.37 43.10
C ASP B 100 -28.67 -11.65 44.00
N ALA B 101 -27.84 -12.37 44.79
CA ALA B 101 -26.88 -11.74 45.66
C ALA B 101 -25.66 -11.16 44.90
N ASN B 102 -25.36 -11.62 43.65
CA ASN B 102 -24.18 -11.12 42.93
C ASN B 102 -24.43 -10.51 41.55
N ARG B 103 -25.66 -10.58 40.99
CA ARG B 103 -25.90 -10.26 39.58
C ARG B 103 -25.64 -8.78 39.26
N GLU B 104 -25.88 -7.89 40.24
CA GLU B 104 -25.58 -6.47 40.10
C GLU B 104 -24.08 -6.20 40.10
N ARG B 105 -23.23 -7.15 40.54
CA ARG B 105 -21.80 -6.99 40.65
C ARG B 105 -21.05 -7.62 39.48
N ILE B 106 -21.77 -8.19 38.48
CA ILE B 106 -21.16 -8.86 37.33
C ILE B 106 -21.56 -8.04 36.08
N GLY B 107 -20.56 -7.49 35.39
CA GLY B 107 -20.81 -6.79 34.14
C GLY B 107 -20.10 -7.41 32.94
N VAL B 108 -20.15 -6.65 31.81
CA VAL B 108 -19.56 -7.07 30.59
C VAL B 108 -19.06 -5.89 29.77
N SER B 109 -17.88 -6.12 29.17
CA SER B 109 -17.21 -5.22 28.26
C SER B 109 -16.61 -6.02 27.10
N MET B 110 -17.40 -6.35 26.08
CA MET B 110 -16.99 -7.04 24.87
C MET B 110 -17.08 -6.01 23.75
N GLY B 111 -15.97 -5.74 23.09
CA GLY B 111 -15.93 -4.78 22.02
C GLY B 111 -15.72 -5.42 20.64
N SER B 112 -15.73 -4.56 19.63
CA SER B 112 -15.38 -4.92 18.27
C SER B 112 -14.81 -3.70 17.57
N GLY B 113 -13.92 -3.94 16.59
CA GLY B 113 -13.28 -2.84 15.87
C GLY B 113 -14.24 -2.28 14.81
N ILE B 114 -14.85 -3.20 14.05
CA ILE B 114 -15.66 -2.83 12.90
C ILE B 114 -17.09 -3.36 13.04
N GLY B 115 -17.35 -4.40 13.84
CA GLY B 115 -18.70 -4.76 14.20
C GLY B 115 -19.41 -5.45 13.04
N GLY B 116 -20.64 -5.04 12.72
CA GLY B 116 -21.55 -5.92 11.99
C GLY B 116 -21.50 -5.71 10.46
N LEU B 117 -20.30 -5.81 9.89
CA LEU B 117 -20.05 -5.46 8.51
C LEU B 117 -20.77 -6.38 7.51
N THR B 118 -20.83 -7.69 7.81
CA THR B 118 -21.53 -8.69 7.02
C THR B 118 -23.01 -8.33 7.00
N ASN B 119 -23.58 -8.11 8.19
CA ASN B 119 -24.97 -7.75 8.25
C ASN B 119 -25.29 -6.50 7.47
N ILE B 120 -24.45 -5.48 7.61
CA ILE B 120 -24.65 -4.21 6.92
C ILE B 120 -24.67 -4.40 5.40
N GLU B 121 -23.68 -5.13 4.87
CA GLU B 121 -23.58 -5.48 3.46
C GLU B 121 -24.85 -6.18 2.98
N ASN B 122 -25.36 -7.21 3.69
CA ASN B 122 -26.55 -7.94 3.29
C ASN B 122 -27.79 -7.06 3.31
N ASN B 123 -27.94 -6.20 4.34
CA ASN B 123 -29.07 -5.27 4.38
C ASN B 123 -28.96 -4.20 3.29
N CYS B 124 -27.75 -3.76 2.93
CA CYS B 124 -27.59 -2.79 1.83
C CYS B 124 -28.03 -3.37 0.48
N ARG B 125 -27.70 -4.64 0.23
CA ARG B 125 -28.15 -5.36 -0.94
C ARG B 125 -29.68 -5.34 -1.00
N SER B 126 -30.38 -5.74 0.08
CA SER B 126 -31.83 -5.65 0.17
C SER B 126 -32.35 -4.22 -0.10
N LEU B 127 -31.75 -3.23 0.57
CA LEU B 127 -32.12 -1.82 0.41
C LEU B 127 -32.04 -1.37 -1.05
N PHE B 128 -30.91 -1.61 -1.70
CA PHE B 128 -30.70 -1.11 -3.07
C PHE B 128 -31.50 -1.91 -4.10
N GLU B 129 -31.69 -3.20 -3.88
CA GLU B 129 -32.42 -4.07 -4.81
C GLU B 129 -33.92 -3.83 -4.66
N GLN B 130 -34.47 -3.82 -3.42
CA GLN B 130 -35.89 -3.89 -3.16
C GLN B 130 -36.43 -2.75 -2.26
N GLY B 131 -35.62 -1.77 -1.83
CA GLY B 131 -36.08 -0.64 -1.02
C GLY B 131 -36.10 -0.94 0.47
N PRO B 132 -36.38 0.08 1.33
CA PRO B 132 -36.16 -0.02 2.78
C PRO B 132 -36.99 -1.01 3.58
N ARG B 133 -38.14 -1.43 3.04
CA ARG B 133 -38.99 -2.42 3.67
C ARG B 133 -38.39 -3.83 3.63
N ARG B 134 -37.34 -4.11 2.84
CA ARG B 134 -36.62 -5.38 2.89
C ARG B 134 -35.59 -5.47 4.04
N ILE B 135 -35.27 -4.37 4.74
CA ILE B 135 -34.30 -4.35 5.81
C ILE B 135 -34.88 -5.16 6.96
N SER B 136 -34.04 -5.96 7.62
CA SER B 136 -34.52 -6.78 8.71
C SER B 136 -35.01 -5.89 9.86
N PRO B 137 -36.10 -6.22 10.59
CA PRO B 137 -36.39 -5.61 11.89
C PRO B 137 -35.31 -5.77 12.96
N PHE B 138 -34.47 -6.82 12.81
CA PHE B 138 -33.35 -7.07 13.73
C PHE B 138 -32.06 -6.40 13.24
N PHE B 139 -32.07 -5.65 12.14
CA PHE B 139 -30.85 -5.10 11.58
C PHE B 139 -30.08 -4.28 12.66
N VAL B 140 -30.76 -3.33 13.32
CA VAL B 140 -30.07 -2.46 14.27
C VAL B 140 -29.56 -3.25 15.50
N PRO B 141 -30.43 -3.92 16.30
CA PRO B 141 -29.95 -4.69 17.46
C PRO B 141 -29.06 -5.88 17.12
N GLY B 142 -29.14 -6.43 15.91
CA GLY B 142 -28.27 -7.53 15.50
C GLY B 142 -26.90 -7.16 14.94
N SER B 143 -26.61 -5.87 14.76
CA SER B 143 -25.43 -5.37 14.07
C SER B 143 -24.57 -4.43 14.91
N ILE B 144 -25.12 -3.77 15.91
CA ILE B 144 -24.39 -2.73 16.65
C ILE B 144 -23.45 -3.42 17.66
N ILE B 145 -22.32 -2.76 17.93
CA ILE B 145 -21.20 -3.37 18.62
C ILE B 145 -21.50 -3.72 20.05
N ASN B 146 -22.38 -2.98 20.74
CA ASN B 146 -22.68 -3.24 22.14
C ASN B 146 -23.63 -4.41 22.35
N MET B 147 -24.00 -5.18 21.30
CA MET B 147 -24.97 -6.23 21.48
C MET B 147 -24.30 -7.52 21.94
N VAL B 148 -22.98 -7.66 21.92
CA VAL B 148 -22.32 -8.78 22.61
C VAL B 148 -22.54 -8.66 24.13
N SER B 149 -22.20 -7.48 24.66
CA SER B 149 -22.47 -7.13 26.04
C SER B 149 -23.96 -7.21 26.36
N GLY B 150 -24.81 -6.64 25.49
CA GLY B 150 -26.24 -6.62 25.72
C GLY B 150 -26.83 -8.03 25.73
N PHE B 151 -26.57 -8.84 24.67
CA PHE B 151 -27.08 -10.23 24.61
C PHE B 151 -26.52 -11.11 25.76
N LEU B 152 -25.25 -10.98 26.09
CA LEU B 152 -24.64 -11.77 27.15
C LEU B 152 -25.35 -11.49 28.49
N SER B 153 -25.53 -10.20 28.77
CA SER B 153 -26.17 -9.78 30.00
C SER B 153 -27.60 -10.30 30.11
N ILE B 154 -28.35 -10.28 29.01
CA ILE B 154 -29.74 -10.76 28.99
C ILE B 154 -29.77 -12.27 29.19
N HIS B 155 -28.93 -13.04 28.46
CA HIS B 155 -28.90 -14.51 28.57
C HIS B 155 -28.50 -14.98 29.98
N LEU B 156 -27.51 -14.35 30.62
CA LEU B 156 -26.99 -14.79 31.92
C LEU B 156 -27.50 -13.97 33.10
N GLY B 157 -28.34 -12.93 32.90
CA GLY B 157 -28.89 -12.09 33.94
C GLY B 157 -27.83 -11.19 34.64
N LEU B 158 -26.86 -10.64 33.90
CA LEU B 158 -25.78 -9.83 34.48
C LEU B 158 -26.22 -8.36 34.52
N GLN B 159 -26.20 -7.70 35.67
CA GLN B 159 -26.76 -6.36 35.79
C GLN B 159 -25.74 -5.31 36.18
N GLY B 160 -24.45 -5.65 36.22
CA GLY B 160 -23.43 -4.66 36.45
C GLY B 160 -23.11 -3.84 35.21
N PRO B 161 -21.97 -3.09 35.27
CA PRO B 161 -21.54 -2.24 34.18
C PRO B 161 -21.56 -2.96 32.83
N ASN B 162 -22.18 -2.33 31.83
CA ASN B 162 -22.52 -2.97 30.57
C ASN B 162 -22.12 -2.01 29.45
N TYR B 163 -21.07 -2.30 28.70
CA TYR B 163 -20.60 -1.37 27.71
C TYR B 163 -19.71 -2.07 26.70
N ALA B 164 -19.22 -1.33 25.70
CA ALA B 164 -18.41 -1.84 24.61
C ALA B 164 -17.46 -0.74 24.10
N LEU B 165 -16.25 -1.15 23.88
CA LEU B 165 -15.17 -0.37 23.30
C LEU B 165 -15.13 -0.64 21.80
N THR B 166 -14.66 0.35 21.01
CA THR B 166 -14.32 0.17 19.62
C THR B 166 -13.11 1.04 19.35
N THR B 167 -11.92 0.44 19.51
CA THR B 167 -10.67 1.14 19.24
C THR B 167 -9.84 0.32 18.28
N ALA B 168 -10.46 -0.04 17.17
CA ALA B 168 -9.76 -0.71 16.08
C ALA B 168 -8.99 -1.93 16.62
N ALA B 169 -7.72 -2.08 16.28
CA ALA B 169 -6.92 -3.24 16.70
C ALA B 169 -6.62 -3.24 18.20
N THR B 170 -6.89 -2.13 18.89
CA THR B 170 -6.68 -2.03 20.33
C THR B 170 -7.89 -2.48 21.14
N THR B 171 -9.01 -2.78 20.47
CA THR B 171 -10.29 -2.99 21.15
C THR B 171 -10.20 -3.99 22.30
N GLY B 172 -9.65 -5.15 22.00
CA GLY B 172 -9.68 -6.23 22.98
C GLY B 172 -8.83 -5.94 24.23
N THR B 173 -7.68 -5.26 24.04
CA THR B 173 -6.79 -4.82 25.10
C THR B 173 -7.51 -3.79 25.97
N HIS B 174 -8.08 -2.72 25.35
CA HIS B 174 -8.78 -1.69 26.07
C HIS B 174 -9.97 -2.29 26.81
N SER B 175 -10.68 -3.26 26.21
CA SER B 175 -11.85 -3.85 26.80
C SER B 175 -11.52 -4.55 28.13
N ILE B 176 -10.44 -5.28 28.14
CA ILE B 176 -9.96 -5.97 29.30
C ILE B 176 -9.43 -4.98 30.35
N GLY B 177 -8.60 -4.01 29.95
CA GLY B 177 -8.01 -3.04 30.87
C GLY B 177 -9.05 -2.19 31.62
N MET B 178 -10.02 -1.67 30.89
CA MET B 178 -11.12 -0.92 31.48
C MET B 178 -12.08 -1.76 32.31
N ALA B 179 -12.30 -3.03 31.92
CA ALA B 179 -13.02 -3.93 32.81
C ALA B 179 -12.30 -4.12 34.16
N ALA B 180 -10.98 -4.32 34.12
CA ALA B 180 -10.17 -4.46 35.33
C ALA B 180 -10.26 -3.19 36.20
N ARG B 181 -10.28 -2.00 35.57
CA ARG B 181 -10.51 -0.73 36.26
C ARG B 181 -11.85 -0.72 36.99
N ASN B 182 -12.92 -1.23 36.37
CA ASN B 182 -14.21 -1.35 37.05
C ASN B 182 -14.11 -2.16 38.37
N ILE B 183 -13.38 -3.26 38.32
CA ILE B 183 -13.25 -4.11 39.47
C ILE B 183 -12.36 -3.46 40.54
N ALA B 184 -11.20 -2.91 40.14
CA ALA B 184 -10.30 -2.18 41.00
C ALA B 184 -10.99 -1.03 41.75
N TYR B 185 -11.93 -0.32 41.11
CA TYR B 185 -12.60 0.86 41.63
C TYR B 185 -13.83 0.43 42.44
N GLY B 186 -14.29 -0.82 42.48
CA GLY B 186 -15.42 -1.25 43.27
C GLY B 186 -16.78 -1.13 42.55
N GLU B 187 -16.80 -0.85 41.23
CA GLU B 187 -18.04 -0.76 40.46
C GLU B 187 -18.53 -2.15 40.04
N ALA B 188 -17.67 -3.18 40.15
CA ALA B 188 -18.04 -4.56 39.90
C ALA B 188 -17.08 -5.48 40.63
N ASP B 189 -17.53 -6.71 40.91
CA ASP B 189 -16.68 -7.78 41.42
C ASP B 189 -16.19 -8.70 40.30
N VAL B 190 -16.96 -8.82 39.21
CA VAL B 190 -16.68 -9.72 38.10
C VAL B 190 -16.96 -8.98 36.78
N MET B 191 -16.09 -9.12 35.78
CA MET B 191 -16.41 -8.64 34.43
C MET B 191 -16.03 -9.69 33.43
N VAL B 192 -16.87 -9.82 32.38
CA VAL B 192 -16.55 -10.59 31.22
C VAL B 192 -16.07 -9.60 30.17
N ALA B 193 -14.82 -9.73 29.71
CA ALA B 193 -14.25 -8.71 28.87
C ALA B 193 -13.39 -9.33 27.77
N GLY B 194 -13.35 -8.62 26.64
CA GLY B 194 -12.65 -9.08 25.47
C GLY B 194 -13.23 -8.46 24.20
N GLY B 195 -13.22 -9.23 23.11
CA GLY B 195 -13.60 -8.66 21.83
C GLY B 195 -13.86 -9.72 20.77
N SER B 196 -14.55 -9.32 19.68
CA SER B 196 -14.86 -10.24 18.59
C SER B 196 -14.87 -9.49 17.30
N GLU B 197 -14.63 -10.23 16.22
CA GLU B 197 -14.59 -9.63 14.90
C GLU B 197 -14.90 -10.70 13.84
N MET B 198 -15.71 -10.30 12.86
CA MET B 198 -15.90 -11.06 11.64
CA MET B 198 -15.86 -11.07 11.62
C MET B 198 -15.96 -10.06 10.50
N ALA B 199 -14.83 -9.69 9.93
CA ALA B 199 -14.82 -8.68 8.90
C ALA B 199 -14.47 -9.28 7.56
N ALA B 200 -14.55 -10.63 7.38
CA ALA B 200 -14.20 -11.27 6.09
C ALA B 200 -15.45 -11.27 5.22
N CYS B 201 -15.77 -10.10 4.69
CA CYS B 201 -16.78 -9.84 3.68
C CYS B 201 -16.11 -8.97 2.62
N GLY B 202 -16.85 -8.64 1.55
CA GLY B 202 -16.33 -7.83 0.47
C GLY B 202 -15.87 -6.46 0.95
N LEU B 203 -16.66 -5.85 1.84
CA LEU B 203 -16.25 -4.58 2.42
C LEU B 203 -14.99 -4.63 3.28
N GLY B 204 -14.83 -5.71 4.05
CA GLY B 204 -13.63 -5.80 4.88
C GLY B 204 -12.36 -6.09 4.09
N LEU B 205 -12.38 -7.19 3.31
CA LEU B 205 -11.25 -7.50 2.45
C LEU B 205 -10.99 -6.41 1.44
N GLY B 206 -12.06 -5.86 0.84
CA GLY B 206 -11.91 -4.76 -0.11
C GLY B 206 -11.45 -3.46 0.49
N GLY B 207 -11.97 -3.11 1.69
CA GLY B 207 -11.52 -1.92 2.41
C GLY B 207 -10.05 -1.96 2.84
N PHE B 208 -9.67 -3.08 3.49
CA PHE B 208 -8.26 -3.26 3.83
C PHE B 208 -7.35 -3.41 2.60
N GLY B 209 -7.81 -4.06 1.54
CA GLY B 209 -7.06 -4.10 0.28
C GLY B 209 -6.89 -2.75 -0.39
N ALA B 210 -7.95 -1.92 -0.39
CA ALA B 210 -7.90 -0.60 -0.98
C ALA B 210 -6.91 0.29 -0.22
N ALA B 211 -6.76 0.09 1.12
CA ALA B 211 -5.73 0.77 1.90
C ALA B 211 -4.33 0.18 1.73
N ARG B 212 -4.15 -0.90 0.96
CA ARG B 212 -2.88 -1.58 0.74
C ARG B 212 -2.32 -2.17 2.05
N ALA B 213 -3.22 -2.66 2.93
CA ALA B 213 -2.86 -3.07 4.27
C ALA B 213 -2.52 -4.56 4.39
N LEU B 214 -3.01 -5.38 3.43
CA LEU B 214 -2.97 -6.82 3.51
C LEU B 214 -1.79 -7.39 2.71
N SER B 215 -1.24 -8.49 3.26
CA SER B 215 -0.38 -9.36 2.47
C SER B 215 -1.17 -9.89 1.27
N THR B 216 -0.50 -9.98 0.14
CA THR B 216 -1.01 -10.56 -1.10
C THR B 216 -0.25 -11.84 -1.47
N ARG B 217 0.33 -12.58 -0.50
CA ARG B 217 1.04 -13.81 -0.79
C ARG B 217 0.04 -14.97 -0.90
N ASN B 218 -0.73 -14.97 -1.97
CA ASN B 218 -1.81 -15.94 -2.17
C ASN B 218 -1.32 -17.35 -2.50
N ASP B 219 -0.13 -17.44 -3.08
CA ASP B 219 0.50 -18.73 -3.39
C ASP B 219 0.93 -19.48 -2.10
N GLU B 220 1.18 -18.82 -0.95
CA GLU B 220 1.65 -19.48 0.26
C GLU B 220 0.96 -18.83 1.45
N PRO B 221 -0.37 -19.04 1.68
CA PRO B 221 -1.08 -18.30 2.72
C PRO B 221 -0.54 -18.50 4.13
N THR B 222 -0.02 -19.70 4.44
CA THR B 222 0.51 -19.99 5.78
C THR B 222 1.82 -19.23 6.05
N ARG B 223 2.52 -18.78 5.01
CA ARG B 223 3.76 -18.01 5.14
C ARG B 223 3.55 -16.49 5.02
N ALA B 224 2.30 -16.01 4.87
CA ALA B 224 2.02 -14.62 4.58
C ALA B 224 2.31 -13.74 5.81
N SER B 225 1.85 -14.19 6.99
CA SER B 225 2.03 -13.48 8.24
C SER B 225 3.40 -13.80 8.77
N ARG B 226 4.33 -12.83 8.68
CA ARG B 226 5.73 -13.04 8.96
C ARG B 226 6.28 -11.81 9.70
N PRO B 227 5.82 -11.56 10.95
CA PRO B 227 6.27 -10.41 11.73
C PRO B 227 7.79 -10.30 11.89
N TRP B 228 8.33 -9.10 11.57
CA TRP B 228 9.74 -8.76 11.62
C TRP B 228 10.57 -9.42 10.54
N ASP B 229 9.98 -10.23 9.63
CA ASP B 229 10.73 -10.82 8.54
C ASP B 229 10.92 -9.75 7.48
N ARG B 230 12.05 -9.76 6.81
CA ARG B 230 12.34 -8.73 5.80
C ARG B 230 11.40 -8.73 4.58
N ASP B 231 10.73 -9.86 4.25
CA ASP B 231 9.82 -9.99 3.11
C ASP B 231 8.35 -9.82 3.52
N ARG B 232 8.06 -9.35 4.74
CA ARG B 232 6.69 -9.08 5.15
C ARG B 232 6.04 -8.02 4.26
N ASP B 233 4.73 -8.12 4.07
CA ASP B 233 4.05 -7.29 3.05
C ASP B 233 2.60 -6.94 3.46
N GLY B 234 2.30 -6.79 4.76
CA GLY B 234 0.96 -6.53 5.24
C GLY B 234 0.40 -7.65 6.11
N PHE B 235 -0.68 -7.33 6.81
CA PHE B 235 -1.25 -8.23 7.78
C PHE B 235 -2.15 -9.22 7.05
N VAL B 236 -2.53 -10.27 7.77
CA VAL B 236 -3.50 -11.23 7.33
C VAL B 236 -4.76 -11.01 8.17
N LEU B 237 -5.89 -10.94 7.48
CA LEU B 237 -7.16 -10.65 8.08
C LEU B 237 -7.74 -11.93 8.65
N SER B 238 -8.10 -11.87 9.93
CA SER B 238 -8.58 -13.02 10.67
C SER B 238 -9.81 -12.65 11.50
N ASP B 239 -10.57 -13.68 11.84
CA ASP B 239 -11.86 -13.61 12.52
C ASP B 239 -11.74 -14.40 13.83
N GLY B 240 -12.60 -14.05 14.79
CA GLY B 240 -12.91 -14.84 15.96
C GLY B 240 -13.15 -13.92 17.16
N SER B 241 -12.78 -14.40 18.35
CA SER B 241 -13.24 -13.79 19.59
C SER B 241 -12.41 -14.31 20.76
N GLY B 242 -12.26 -13.45 21.77
CA GLY B 242 -11.70 -13.87 23.05
C GLY B 242 -12.47 -13.17 24.15
N ALA B 243 -12.66 -13.88 25.26
CA ALA B 243 -13.30 -13.38 26.46
C ALA B 243 -12.54 -13.89 27.69
N LEU B 244 -12.41 -13.05 28.71
CA LEU B 244 -11.81 -13.43 29.98
C LEU B 244 -12.84 -13.07 31.05
N VAL B 245 -12.92 -13.91 32.12
CA VAL B 245 -13.60 -13.57 33.35
C VAL B 245 -12.57 -12.95 34.28
N LEU B 246 -12.69 -11.64 34.49
CA LEU B 246 -11.90 -10.90 35.44
C LEU B 246 -12.66 -10.85 36.75
N GLU B 247 -11.95 -10.99 37.89
CA GLU B 247 -12.63 -11.13 39.17
C GLU B 247 -11.78 -10.52 40.28
N GLU B 248 -12.44 -9.83 41.21
CA GLU B 248 -11.77 -9.33 42.38
C GLU B 248 -11.16 -10.51 43.18
N LEU B 249 -9.91 -10.41 43.61
CA LEU B 249 -9.18 -11.51 44.22
C LEU B 249 -9.90 -12.16 45.41
N GLU B 250 -10.35 -11.37 46.39
CA GLU B 250 -11.06 -11.89 47.56
C GLU B 250 -12.35 -12.60 47.22
N HIS B 251 -13.13 -12.08 46.25
CA HIS B 251 -14.27 -12.77 45.65
C HIS B 251 -13.89 -14.13 45.03
N ALA B 252 -12.79 -14.18 44.25
CA ALA B 252 -12.32 -15.44 43.68
C ALA B 252 -11.90 -16.44 44.79
N ARG B 253 -11.10 -15.98 45.77
CA ARG B 253 -10.67 -16.80 46.90
C ARG B 253 -11.88 -17.38 47.66
N ALA B 254 -12.90 -16.56 47.93
CA ALA B 254 -14.08 -16.94 48.73
C ALA B 254 -14.85 -18.14 48.16
N ARG B 255 -14.99 -18.18 46.82
CA ARG B 255 -15.71 -19.25 46.15
C ARG B 255 -14.74 -20.34 45.69
N GLY B 256 -13.42 -20.26 45.97
CA GLY B 256 -12.46 -21.28 45.60
C GLY B 256 -12.30 -21.40 44.09
N ALA B 257 -12.25 -20.26 43.38
CA ALA B 257 -11.99 -20.25 41.94
C ALA B 257 -10.54 -20.68 41.66
N ARG B 258 -10.33 -21.38 40.55
CA ARG B 258 -9.02 -21.55 39.94
CA ARG B 258 -9.01 -21.55 39.94
C ARG B 258 -8.60 -20.21 39.34
N ILE B 259 -7.41 -19.74 39.72
CA ILE B 259 -6.88 -18.45 39.27
C ILE B 259 -5.77 -18.77 38.28
N TYR B 260 -5.92 -18.26 37.02
CA TYR B 260 -4.89 -18.43 35.99
C TYR B 260 -3.72 -17.47 36.21
N ALA B 261 -4.01 -16.21 36.52
CA ALA B 261 -3.03 -15.14 36.56
C ALA B 261 -3.67 -13.90 37.16
N GLU B 262 -2.81 -12.95 37.50
CA GLU B 262 -3.22 -11.66 38.00
C GLU B 262 -3.04 -10.63 36.90
N LEU B 263 -4.06 -9.78 36.69
CA LEU B 263 -3.95 -8.59 35.82
C LEU B 263 -3.49 -7.42 36.71
N VAL B 264 -2.23 -7.01 36.58
CA VAL B 264 -1.57 -6.06 37.47
C VAL B 264 -1.44 -4.67 36.86
N GLY B 265 -1.43 -4.52 35.52
CA GLY B 265 -1.15 -3.23 34.91
C GLY B 265 -1.97 -3.03 33.64
N PHE B 266 -2.43 -1.81 33.41
CA PHE B 266 -3.03 -1.41 32.14
C PHE B 266 -2.55 -0.01 31.79
N GLY B 267 -2.02 0.16 30.60
CA GLY B 267 -1.59 1.46 30.10
C GLY B 267 -2.24 1.80 28.78
N MET B 268 -2.33 3.10 28.50
CA MET B 268 -2.92 3.66 27.28
C MET B 268 -2.11 4.87 26.84
N SER B 269 -2.07 5.13 25.55
CA SER B 269 -1.50 6.35 25.00
C SER B 269 -2.07 6.59 23.60
N GLY B 270 -1.80 7.80 23.10
CA GLY B 270 -2.09 8.19 21.73
C GLY B 270 -0.74 8.57 21.08
N ASP B 271 -0.44 8.05 19.91
CA ASP B 271 0.69 8.56 19.12
C ASP B 271 0.52 10.04 18.71
N ALA B 272 -0.73 10.43 18.37
CA ALA B 272 -1.00 11.72 17.74
C ALA B 272 -0.09 12.01 16.54
N PHE B 273 0.06 11.03 15.64
CA PHE B 273 1.04 11.08 14.57
C PHE B 273 0.31 10.99 13.23
N HIS B 274 -0.37 9.87 12.99
CA HIS B 274 -0.98 9.57 11.69
C HIS B 274 -2.11 8.57 11.88
N MET B 275 -3.11 8.67 10.97
CA MET B 275 -4.35 7.90 11.04
C MET B 275 -4.05 6.40 10.96
N THR B 276 -3.06 5.97 10.13
CA THR B 276 -2.73 4.57 9.89
C THR B 276 -1.24 4.24 10.03
N ALA B 277 -0.30 5.18 10.05
CA ALA B 277 1.14 4.87 10.13
C ALA B 277 1.61 5.18 11.55
N PRO B 278 2.50 4.37 12.19
CA PRO B 278 3.05 4.71 13.48
C PRO B 278 4.27 5.61 13.28
N PRO B 279 4.70 6.34 14.32
CA PRO B 279 6.01 7.02 14.28
C PRO B 279 7.10 5.92 14.22
N GLU B 280 8.12 6.15 13.40
CA GLU B 280 9.21 5.20 13.18
C GLU B 280 9.89 4.75 14.47
N ASP B 281 10.03 5.66 15.45
CA ASP B 281 10.59 5.32 16.75
C ASP B 281 9.60 4.62 17.69
N GLY B 282 8.31 4.42 17.33
CA GLY B 282 7.36 3.84 18.25
C GLY B 282 7.26 4.55 19.62
N ALA B 283 7.34 5.88 19.59
CA ALA B 283 7.35 6.68 20.80
C ALA B 283 6.07 6.53 21.61
N GLY B 284 4.90 6.44 20.93
CA GLY B 284 3.63 6.27 21.63
C GLY B 284 3.49 4.89 22.24
N ALA B 285 3.98 3.83 21.56
CA ALA B 285 4.00 2.48 22.09
C ALA B 285 4.87 2.39 23.34
N ALA B 286 6.01 3.10 23.31
CA ALA B 286 6.89 3.20 24.46
C ALA B 286 6.20 3.85 25.63
N ARG B 287 5.51 4.98 25.41
CA ARG B 287 4.80 5.67 26.48
C ARG B 287 3.72 4.76 27.09
N CYS B 288 3.05 4.00 26.20
CA CYS B 288 1.98 3.11 26.62
C CYS B 288 2.53 1.97 27.48
N MET B 289 3.63 1.32 27.07
CA MET B 289 4.23 0.25 27.88
C MET B 289 4.69 0.77 29.24
N LYS B 290 5.36 1.94 29.28
CA LYS B 290 5.79 2.59 30.51
C LYS B 290 4.59 2.85 31.41
N ASN B 291 3.52 3.40 30.86
CA ASN B 291 2.30 3.61 31.63
C ASN B 291 1.77 2.34 32.27
N ALA B 292 1.79 1.23 31.54
CA ALA B 292 1.31 -0.05 32.03
C ALA B 292 2.22 -0.59 33.14
N LEU B 293 3.55 -0.49 32.96
CA LEU B 293 4.47 -0.91 34.00
C LEU B 293 4.36 -0.04 35.26
N ARG B 294 4.26 1.28 35.12
CA ARG B 294 4.01 2.19 36.22
CA ARG B 294 4.05 2.18 36.24
C ARG B 294 2.75 1.79 36.96
N ASP B 295 1.64 1.53 36.21
CA ASP B 295 0.38 1.07 36.76
C ASP B 295 0.55 -0.20 37.60
N ALA B 296 1.38 -1.15 37.14
CA ALA B 296 1.63 -2.39 37.85
C ALA B 296 2.66 -2.25 38.97
N GLY B 297 3.40 -1.15 39.05
CA GLY B 297 4.42 -1.00 40.05
C GLY B 297 5.65 -1.84 39.73
N LEU B 298 5.93 -1.97 38.43
CA LEU B 298 6.98 -2.85 37.94
C LEU B 298 8.05 -2.02 37.23
N ASP B 299 9.29 -2.46 37.42
CA ASP B 299 10.42 -1.97 36.65
C ASP B 299 10.45 -2.75 35.33
N PRO B 300 10.88 -2.15 34.18
CA PRO B 300 11.11 -2.89 32.94
C PRO B 300 11.85 -4.21 33.04
N ARG B 301 12.85 -4.28 33.94
CA ARG B 301 13.64 -5.49 34.15
C ARG B 301 12.86 -6.70 34.70
N GLN B 302 11.64 -6.51 35.21
CA GLN B 302 10.83 -7.60 35.72
C GLN B 302 10.02 -8.29 34.61
N VAL B 303 10.00 -7.75 33.38
CA VAL B 303 9.22 -8.31 32.30
C VAL B 303 10.01 -9.46 31.69
N ASP B 304 9.37 -10.63 31.57
CA ASP B 304 9.97 -11.82 30.96
C ASP B 304 9.51 -12.09 29.54
N TYR B 305 8.20 -11.90 29.26
CA TYR B 305 7.59 -12.19 27.97
C TYR B 305 6.75 -11.01 27.48
N ILE B 306 6.88 -10.68 26.20
CA ILE B 306 6.02 -9.73 25.50
C ILE B 306 5.27 -10.45 24.39
N ASN B 307 3.93 -10.45 24.44
CA ASN B 307 3.09 -10.79 23.28
C ASN B 307 2.92 -9.51 22.48
N ALA B 308 3.68 -9.39 21.38
CA ALA B 308 3.74 -8.18 20.59
C ALA B 308 2.45 -7.99 19.81
N HIS B 309 2.25 -6.76 19.37
CA HIS B 309 1.23 -6.45 18.40
C HIS B 309 1.60 -7.12 17.06
N GLY B 310 2.83 -6.86 16.57
CA GLY B 310 3.53 -7.67 15.55
C GLY B 310 2.64 -8.13 14.41
N THR B 311 2.09 -7.20 13.60
CA THR B 311 1.05 -7.51 12.62
C THR B 311 1.59 -7.97 11.26
N SER B 312 2.91 -7.91 11.02
CA SER B 312 3.54 -8.26 9.74
C SER B 312 3.45 -7.10 8.72
N THR B 313 3.47 -5.84 9.20
CA THR B 313 3.52 -4.67 8.35
C THR B 313 4.94 -4.12 8.36
N PRO B 314 5.40 -3.50 7.24
CA PRO B 314 6.77 -2.91 7.21
C PRO B 314 7.05 -1.93 8.36
N ALA B 315 6.24 -0.85 8.45
CA ALA B 315 6.44 0.19 9.43
C ALA B 315 6.07 -0.28 10.85
N GLY B 316 4.94 -0.98 11.04
CA GLY B 316 4.47 -1.33 12.39
C GLY B 316 5.46 -2.17 13.19
N ASP B 317 5.98 -3.22 12.55
CA ASP B 317 6.84 -4.18 13.21
C ASP B 317 8.15 -3.53 13.69
N ILE B 318 8.77 -2.71 12.85
CA ILE B 318 10.07 -2.10 13.23
C ILE B 318 9.86 -1.03 14.31
N ALA B 319 8.76 -0.25 14.24
CA ALA B 319 8.41 0.70 15.29
C ALA B 319 8.17 0.04 16.66
N GLU B 320 7.64 -1.21 16.68
CA GLU B 320 7.48 -1.97 17.91
C GLU B 320 8.81 -2.39 18.52
N ILE B 321 9.77 -2.82 17.69
CA ILE B 321 11.14 -3.11 18.19
C ILE B 321 11.75 -1.85 18.78
N ALA B 322 11.65 -0.71 18.08
CA ALA B 322 12.23 0.54 18.60
C ALA B 322 11.63 0.92 19.95
N ALA B 323 10.31 0.75 20.12
CA ALA B 323 9.64 1.05 21.36
C ALA B 323 10.13 0.12 22.49
N VAL B 324 10.26 -1.18 22.21
CA VAL B 324 10.75 -2.13 23.18
C VAL B 324 12.20 -1.82 23.60
N LYS B 325 13.08 -1.55 22.64
CA LYS B 325 14.46 -1.18 22.92
C LYS B 325 14.54 0.09 23.81
N SER B 326 13.67 1.07 23.52
CA SER B 326 13.62 2.31 24.29
C SER B 326 13.16 2.08 25.75
N VAL B 327 12.11 1.28 25.97
CA VAL B 327 11.58 1.04 27.30
C VAL B 327 12.51 0.12 28.09
N PHE B 328 13.00 -0.95 27.47
CA PHE B 328 13.63 -2.03 28.19
C PHE B 328 15.16 -1.93 28.21
N GLY B 329 15.81 -1.12 27.34
CA GLY B 329 17.27 -0.95 27.27
C GLY B 329 17.99 -2.29 27.04
N GLU B 330 18.99 -2.60 27.87
CA GLU B 330 19.73 -3.85 27.77
C GLU B 330 18.88 -5.09 28.06
N HIS B 331 17.91 -4.97 28.95
CA HIS B 331 16.96 -6.05 29.24
C HIS B 331 16.10 -6.44 28.04
N ALA B 332 16.02 -5.59 27.00
CA ALA B 332 15.37 -5.97 25.75
C ALA B 332 15.98 -7.23 25.15
N HIS B 333 17.28 -7.50 25.43
CA HIS B 333 17.96 -8.72 25.02
C HIS B 333 17.82 -9.89 25.98
N ALA B 334 17.20 -9.73 27.15
CA ALA B 334 16.96 -10.83 28.09
C ALA B 334 15.52 -11.33 28.03
N LEU B 335 14.53 -10.45 27.79
CA LEU B 335 13.14 -10.88 27.63
C LEU B 335 13.00 -11.67 26.31
N SER B 336 11.86 -12.35 26.17
CA SER B 336 11.40 -12.95 24.92
C SER B 336 10.16 -12.19 24.46
N MET B 337 10.11 -11.85 23.18
CA MET B 337 8.96 -11.21 22.58
C MET B 337 8.50 -12.07 21.41
N SER B 338 7.21 -12.36 21.26
CA SER B 338 6.77 -13.03 20.05
C SER B 338 5.45 -12.43 19.55
N SER B 339 5.18 -12.68 18.28
CA SER B 339 3.87 -12.38 17.68
C SER B 339 3.16 -13.69 17.31
N THR B 340 2.08 -13.96 18.03
CA THR B 340 1.18 -15.07 17.72
C THR B 340 0.29 -14.77 16.49
N LYS B 341 0.31 -13.52 15.98
CA LYS B 341 -0.26 -13.22 14.67
C LYS B 341 0.44 -13.96 13.55
N SER B 342 1.71 -14.37 13.74
CA SER B 342 2.41 -15.22 12.79
C SER B 342 1.60 -16.49 12.46
N MET B 343 0.80 -16.96 13.42
CA MET B 343 -0.03 -18.16 13.31
C MET B 343 -1.51 -17.83 13.10
N THR B 344 -2.06 -16.86 13.86
CA THR B 344 -3.48 -16.55 13.89
C THR B 344 -3.89 -15.55 12.82
N GLY B 345 -2.94 -14.77 12.31
CA GLY B 345 -3.25 -13.53 11.62
C GLY B 345 -3.79 -12.50 12.61
N HIS B 346 -4.32 -11.42 12.05
CA HIS B 346 -4.75 -10.27 12.79
C HIS B 346 -6.27 -10.37 12.98
N LEU B 347 -6.69 -10.63 14.22
CA LEU B 347 -8.11 -10.71 14.58
C LEU B 347 -8.77 -9.35 14.84
N LEU B 348 -8.10 -8.25 14.55
CA LEU B 348 -8.63 -6.91 14.58
C LEU B 348 -9.07 -6.54 15.99
N GLY B 349 -10.35 -6.23 16.21
CA GLY B 349 -10.80 -5.96 17.56
C GLY B 349 -10.74 -7.12 18.56
N ALA B 350 -10.66 -8.38 18.11
CA ALA B 350 -10.44 -9.54 18.96
C ALA B 350 -8.96 -9.84 19.23
N ALA B 351 -8.02 -9.20 18.48
CA ALA B 351 -6.60 -9.49 18.57
C ALA B 351 -6.06 -9.41 20.01
N GLY B 352 -6.37 -8.30 20.68
CA GLY B 352 -5.91 -8.12 22.04
C GLY B 352 -6.55 -9.06 23.06
N ALA B 353 -7.74 -9.54 22.81
CA ALA B 353 -8.44 -10.50 23.69
C ALA B 353 -7.81 -11.86 23.58
N VAL B 354 -7.62 -12.38 22.36
CA VAL B 354 -6.99 -13.70 22.22
C VAL B 354 -5.53 -13.64 22.65
N GLU B 355 -4.85 -12.52 22.38
CA GLU B 355 -3.47 -12.37 22.84
C GLU B 355 -3.30 -12.20 24.35
N ALA B 356 -4.27 -11.59 25.02
CA ALA B 356 -4.29 -11.62 26.48
C ALA B 356 -4.40 -13.05 26.97
N ILE B 357 -5.29 -13.86 26.35
CA ILE B 357 -5.35 -15.28 26.68
C ILE B 357 -4.00 -16.01 26.52
N PHE B 358 -3.33 -15.79 25.38
CA PHE B 358 -2.03 -16.44 25.13
C PHE B 358 -0.94 -16.01 26.12
N SER B 359 -0.94 -14.75 26.53
CA SER B 359 -0.08 -14.24 27.60
C SER B 359 -0.33 -14.92 28.94
N VAL B 360 -1.59 -15.06 29.33
CA VAL B 360 -1.96 -15.78 30.56
C VAL B 360 -1.48 -17.22 30.48
N LEU B 361 -1.72 -17.89 29.34
CA LEU B 361 -1.28 -19.27 29.20
C LEU B 361 0.25 -19.41 29.11
N ALA B 362 0.95 -18.41 28.54
CA ALA B 362 2.39 -18.36 28.64
C ALA B 362 2.87 -18.41 30.10
N LEU B 363 2.17 -17.69 30.99
CA LEU B 363 2.40 -17.73 32.41
C LEU B 363 2.03 -19.11 32.97
N ARG B 364 0.85 -19.65 32.66
CA ARG B 364 0.42 -20.94 33.20
C ARG B 364 1.45 -22.01 32.83
N ASP B 365 1.92 -22.02 31.57
CA ASP B 365 2.71 -23.11 31.05
C ASP B 365 4.20 -22.83 31.04
N GLN B 366 4.67 -21.61 31.41
CA GLN B 366 6.09 -21.26 31.38
C GLN B 366 6.69 -21.54 30.01
N VAL B 367 6.09 -20.93 29.00
CA VAL B 367 6.50 -21.11 27.62
C VAL B 367 6.16 -19.87 26.81
N ALA B 368 7.16 -19.38 26.06
CA ALA B 368 7.00 -18.28 25.12
C ALA B 368 6.53 -18.91 23.81
N PRO B 369 5.33 -18.58 23.31
CA PRO B 369 4.92 -19.04 21.98
C PRO B 369 5.85 -18.53 20.87
N PRO B 370 5.99 -19.28 19.72
CA PRO B 370 6.86 -18.83 18.65
C PRO B 370 6.33 -17.67 17.83
N THR B 371 7.23 -16.94 17.17
CA THR B 371 6.93 -16.21 15.97
C THR B 371 7.27 -17.13 14.82
N ILE B 372 6.27 -17.77 14.19
CA ILE B 372 6.56 -18.55 12.99
C ILE B 372 6.86 -17.63 11.79
N ASN B 373 7.46 -18.24 10.77
CA ASN B 373 7.77 -17.59 9.51
C ASN B 373 8.93 -16.58 9.62
N LEU B 374 9.63 -16.53 10.75
CA LEU B 374 10.62 -15.48 10.99
C LEU B 374 11.97 -15.98 10.41
N ASP B 375 12.02 -16.01 9.08
CA ASP B 375 13.09 -16.63 8.32
C ASP B 375 14.34 -15.73 8.33
N ASN B 376 14.16 -14.46 7.99
CA ASN B 376 15.22 -13.48 7.79
C ASN B 376 14.78 -12.23 8.56
N PRO B 377 15.14 -12.10 9.86
CA PRO B 377 14.87 -10.89 10.64
C PRO B 377 15.36 -9.64 9.95
N ASP B 378 14.51 -8.61 9.86
CA ASP B 378 14.89 -7.38 9.19
C ASP B 378 15.91 -6.61 10.05
N GLU B 379 16.46 -5.49 9.47
CA GLU B 379 17.49 -4.64 10.07
C GLU B 379 17.01 -4.17 11.46
N GLY B 380 17.81 -4.42 12.51
CA GLY B 380 17.45 -4.01 13.86
C GLY B 380 16.47 -4.93 14.59
N CYS B 381 16.02 -6.05 13.99
CA CYS B 381 15.09 -6.99 14.64
C CYS B 381 15.93 -8.09 15.29
N ASP B 382 16.81 -7.71 16.25
CA ASP B 382 17.88 -8.59 16.76
C ASP B 382 17.58 -9.05 18.20
N LEU B 383 16.33 -8.94 18.67
CA LEU B 383 15.88 -9.42 19.96
C LEU B 383 15.58 -10.91 19.89
N ASP B 384 15.38 -11.54 21.04
CA ASP B 384 14.81 -12.86 21.11
C ASP B 384 13.30 -12.76 20.73
N LEU B 385 13.05 -13.04 19.45
CA LEU B 385 11.73 -13.01 18.83
C LEU B 385 11.10 -14.41 18.78
N VAL B 386 11.73 -15.40 19.42
CA VAL B 386 11.20 -16.72 19.60
C VAL B 386 10.89 -17.29 18.21
N ALA B 387 11.86 -17.18 17.29
CA ALA B 387 11.68 -17.55 15.90
C ALA B 387 11.39 -19.04 15.85
N HIS B 388 10.31 -19.41 15.15
CA HIS B 388 10.08 -20.74 14.62
C HIS B 388 9.46 -21.67 15.64
N GLU B 389 10.03 -21.80 16.85
CA GLU B 389 9.74 -22.90 17.79
C GLU B 389 9.37 -22.29 19.16
N ALA B 390 8.36 -22.82 19.84
CA ALA B 390 8.01 -22.42 21.20
C ALA B 390 9.23 -22.61 22.11
N LYS B 391 9.41 -21.72 23.08
CA LYS B 391 10.53 -21.78 23.99
C LYS B 391 10.08 -21.83 25.45
N PRO B 392 10.17 -23.00 26.14
CA PRO B 392 10.03 -23.07 27.59
C PRO B 392 11.02 -22.11 28.24
N ARG B 393 10.58 -21.31 29.22
CA ARG B 393 11.48 -20.46 30.01
C ARG B 393 10.71 -19.94 31.22
N LYS B 394 11.43 -19.24 32.10
CA LYS B 394 10.89 -18.60 33.28
C LYS B 394 10.09 -17.39 32.82
N ILE B 395 8.79 -17.39 33.13
CA ILE B 395 7.95 -16.22 32.85
C ILE B 395 7.19 -15.87 34.13
N ASP B 396 7.59 -14.77 34.80
CA ASP B 396 6.86 -14.21 35.93
C ASP B 396 5.85 -13.16 35.50
N VAL B 397 6.25 -12.31 34.54
CA VAL B 397 5.49 -11.18 34.06
C VAL B 397 5.42 -11.23 32.54
N ALA B 398 4.19 -11.07 32.00
CA ALA B 398 3.94 -11.09 30.58
C ALA B 398 3.17 -9.82 30.24
N LEU B 399 3.59 -9.16 29.16
CA LEU B 399 2.99 -7.94 28.65
C LEU B 399 2.34 -8.25 27.30
N SER B 400 1.17 -7.64 27.02
CA SER B 400 0.50 -7.77 25.76
C SER B 400 0.20 -6.37 25.20
N ASN B 401 0.71 -6.07 24.01
CA ASN B 401 0.54 -4.80 23.31
C ASN B 401 -0.47 -4.87 22.17
N SER B 402 -1.21 -3.77 21.99
CA SER B 402 -2.11 -3.55 20.87
C SER B 402 -2.01 -2.08 20.46
N PHE B 403 -1.84 -1.85 19.14
CA PHE B 403 -1.69 -0.52 18.56
C PHE B 403 -2.62 -0.45 17.35
N GLY B 404 -3.47 0.56 17.27
CA GLY B 404 -4.54 0.59 16.26
C GLY B 404 -4.57 1.90 15.47
N PHE B 405 -5.41 1.92 14.44
CA PHE B 405 -5.65 3.10 13.65
C PHE B 405 -6.06 4.25 14.56
N GLY B 406 -5.57 5.44 14.19
CA GLY B 406 -5.74 6.65 14.99
C GLY B 406 -4.60 6.82 16.00
N GLY B 407 -3.62 5.94 16.01
CA GLY B 407 -2.54 5.94 16.98
C GLY B 407 -2.97 5.56 18.39
N THR B 408 -3.99 4.72 18.55
CA THR B 408 -4.50 4.37 19.86
C THR B 408 -3.73 3.14 20.34
N ASN B 409 -3.18 3.22 21.56
CA ASN B 409 -2.28 2.22 22.09
C ASN B 409 -2.80 1.74 23.42
N GLY B 410 -2.66 0.45 23.66
CA GLY B 410 -3.01 -0.16 24.93
C GLY B 410 -2.03 -1.28 25.25
N THR B 411 -1.69 -1.44 26.53
CA THR B 411 -0.83 -2.51 27.00
C THR B 411 -1.45 -3.12 28.25
N LEU B 412 -1.45 -4.44 28.35
CA LEU B 412 -1.79 -5.14 29.60
C LEU B 412 -0.56 -5.82 30.16
N VAL B 413 -0.48 -5.86 31.48
CA VAL B 413 0.58 -6.57 32.21
C VAL B 413 -0.08 -7.64 33.10
N PHE B 414 0.28 -8.90 32.86
CA PHE B 414 -0.15 -10.02 33.68
C PHE B 414 1.03 -10.52 34.50
N ARG B 415 0.72 -11.10 35.68
CA ARG B 415 1.74 -11.70 36.55
C ARG B 415 1.27 -13.07 37.00
N ARG B 416 2.24 -13.99 37.24
CA ARG B 416 1.94 -15.25 37.89
C ARG B 416 1.29 -14.98 39.25
N PHE B 417 0.27 -15.76 39.61
CA PHE B 417 -0.45 -15.52 40.85
C PHE B 417 0.17 -16.32 42.00
N ALA B 418 0.74 -15.63 43.02
CA ALA B 418 0.89 -16.12 44.40
C ALA B 418 0.63 -14.95 45.38
C FMT C . 26.53 24.08 -27.58
O1 FMT C . 27.48 24.70 -27.15
O2 FMT C . 26.62 22.83 -28.06
H FMT C . 25.67 24.51 -27.58
HO2 FMT C . 25.86 22.50 -28.48
C FMT D . 23.99 -7.26 -29.19
O1 FMT D . 23.52 -6.90 -30.25
O2 FMT D . 23.39 -7.06 -28.02
H FMT D . 24.84 -7.70 -29.20
HO2 FMT D . 23.75 -7.31 -27.30
C FMT E . 8.54 33.59 -29.02
O1 FMT E . 8.80 34.60 -28.40
O2 FMT E . 8.91 32.37 -28.56
H FMT E . 8.04 33.65 -29.83
HO2 FMT E . 8.64 31.64 -28.81
C FMT F . 20.75 23.31 -1.15
O1 FMT F . 19.76 22.70 -0.80
O2 FMT F . 21.93 22.74 -1.12
H FMT F . 20.65 24.22 -1.46
HO2 FMT F . 22.58 23.17 -1.10
S DMS G . -3.62 23.47 -24.98
O DMS G . -4.26 22.84 -23.85
C1 DMS G . -2.04 23.92 -24.34
C2 DMS G . -4.29 25.13 -24.97
H11 DMS G . -1.62 24.57 -24.92
H12 DMS G . -1.48 23.14 -24.28
H13 DMS G . -2.14 24.31 -23.46
H21 DMS G . -5.24 25.10 -25.13
H22 DMS G . -3.86 25.65 -25.67
H23 DMS G . -4.11 25.53 -24.12
C13 A1I03 H . 21.30 5.59 -32.91
C14 A1I03 H . 20.30 5.76 -31.94
C11 A1I03 H . 18.18 18.03 -30.10
C1 A1I03 H . 22.65 9.66 -33.02
C2 A1I03 H . 21.94 9.03 -31.78
C3 A1I03 H . 20.89 9.99 -31.16
O1 A1I03 H . 21.12 10.39 -30.03
N1 A1I03 H . 19.78 10.41 -31.79
C4 A1I03 H . 18.81 11.39 -31.25
C5 A1I03 H . 17.41 11.45 -31.97
C6 A1I03 H . 16.80 10.08 -31.80
O2 A1I03 H . 17.47 11.92 -33.33
C7 A1I03 H . 16.37 12.41 -31.36
N2 A1I03 H . 16.74 13.82 -31.34
C8 A1I03 H . 17.36 14.46 -30.33
O3 A1I03 H . 17.79 13.85 -29.34
C9 A1I03 H . 17.56 15.95 -30.45
C10 A1I03 H . 18.22 16.77 -29.52
N3 A1I03 H . 17.50 17.93 -31.27
N4 A1I03 H . 17.09 16.68 -31.49
N5 A1I03 H . 21.45 7.66 -32.05
C12 A1I03 H . 22.01 6.74 -32.97
C15 A1I03 H . 20.40 7.01 -31.42
H19 A1I03 H . 21.45 4.81 -33.42
H20 A1I03 H . 19.66 5.11 -31.69
H16 A1I03 H . 18.49 18.83 -29.73
H2 A1I03 H . 22.73 10.62 -32.89
H3 A1I03 H . 22.12 9.49 -33.81
H1 A1I03 H . 23.53 9.27 -33.12
H4 A1I03 H . 22.65 8.91 -31.11
H5 A1I03 H . 19.64 10.09 -32.59
H6 A1I03 H . 19.20 12.28 -31.28
H7 A1I03 H . 18.64 11.19 -30.31
H10 A1I03 H . 17.34 9.42 -32.27
H8 A1I03 H . 15.91 10.08 -32.17
H9 A1I03 H . 16.77 9.85 -30.85
H11 A1I03 H . 16.65 11.95 -33.63
H13 A1I03 H . 15.53 12.33 -31.87
H12 A1I03 H . 16.17 12.12 -30.45
H14 A1I03 H . 16.52 14.27 -32.05
H15 A1I03 H . 18.61 16.52 -28.72
H17 A1I03 H . 17.30 18.60 -31.83
H18 A1I03 H . 22.74 6.90 -33.54
H21 A1I03 H . 19.83 7.36 -30.75
S DMS I . -6.82 1.28 -7.98
O DMS I . -5.57 0.50 -7.77
C1 DMS I . -7.63 0.70 -9.49
C2 DMS I . -6.21 2.89 -8.47
H11 DMS I . -8.26 1.37 -9.78
H12 DMS I . -8.09 -0.13 -9.31
H13 DMS I . -6.97 0.56 -10.17
H21 DMS I . -5.81 3.32 -7.70
H22 DMS I . -6.95 3.44 -8.79
H23 DMS I . -5.57 2.80 -9.18
C13 A1I03 J . 11.45 3.57 -30.62
C14 A1I03 J . 10.78 3.84 -29.43
C1 A1I03 J . 15.10 5.36 -28.88
C2 A1I03 J . 13.74 6.01 -29.04
C3 A1I03 J . 13.83 7.31 -29.86
O1 A1I03 J . 12.86 7.69 -30.48
N1 A1I03 J . 14.95 8.03 -29.85
N5 A1I03 J . 12.67 5.07 -29.48
C12 A1I03 J . 12.61 4.32 -30.64
C15 A1I03 J . 11.51 4.78 -28.76
H19 A1I03 J . 11.15 2.97 -31.28
H20 A1I03 J . 9.95 3.49 -29.17
H2 A1I03 J . 15.64 5.91 -28.28
H3 A1I03 J . 15.53 5.29 -29.74
H1 A1I03 J . 14.98 4.48 -28.49
H4 A1I03 J . 13.47 6.28 -28.13
H5 A1I03 J . 15.63 7.76 -29.39
H18 A1I03 J . 13.25 4.31 -31.32
H21 A1I03 J . 11.30 5.14 -27.92
C FMT K . -30.36 -9.38 10.60
O1 FMT K . -30.06 -8.53 9.80
O2 FMT K . -29.75 -9.43 11.77
H FMT K . -31.04 -10.03 10.39
HO2 FMT K . -29.82 -10.08 12.33
C FMT L . 4.36 -10.54 -1.85
O1 FMT L . 3.50 -11.41 -1.84
O2 FMT L . 5.67 -10.82 -1.96
H FMT L . 4.09 -9.63 -1.78
HO2 FMT L . 6.32 -10.34 -1.89
C13 A1I03 M . -1.81 0.93 5.93
C14 A1I03 M . -2.45 0.31 7.01
C11 A1I03 M . 4.61 1.05 17.22
C1 A1I03 M . 1.93 1.62 7.87
C2 A1I03 M . 1.02 0.41 8.20
C3 A1I03 M . 1.00 0.19 9.73
O1 A1I03 M . 1.99 -0.46 10.08
N1 A1I03 M . 0.12 0.66 10.65
C4 A1I03 M . 0.30 0.55 12.11
C5 A1I03 M . -0.54 1.44 13.13
C6 A1I03 M . -1.96 0.87 13.03
O2 A1I03 M . -0.64 2.85 12.91
C7 A1I03 M . -0.01 1.42 14.64
N2 A1I03 M . 0.67 0.17 14.88
C8 A1I03 M . 1.89 -0.27 15.21
O3 A1I03 M . 2.22 -1.45 14.96
C9 A1I03 M . 2.82 0.52 16.05
C10 A1I03 M . 4.12 0.09 16.35
N3 A1I03 M . 3.63 1.96 17.41
N4 A1I03 M . 2.50 1.62 16.74
N5 A1I03 M . -0.28 0.50 7.51
C12 A1I03 M . -0.49 1.04 6.22
C15 A1I03 M . -1.52 0.04 7.96
H19 A1I03 M . -2.22 1.23 5.13
H20 A1I03 M . -3.36 0.12 7.06
H16 A1I03 M . 5.47 1.09 17.59
H2 A1I03 M . 2.66 1.67 8.50
H3 A1I03 M . 1.40 2.43 7.91
H1 A1I03 M . 2.28 1.51 6.96
H4 A1I03 M . 1.46 -0.39 7.80
H5 A1I03 M . -0.58 1.11 10.37
H6 A1I03 M . 1.24 0.72 12.30
H7 A1I03 M . 0.13 -0.39 12.34
H10 A1I03 M . -2.20 0.75 12.09
H8 A1I03 M . -2.59 1.48 13.44
H9 A1I03 M . -2.01 0.00 13.48
H11 A1I03 M . -1.20 3.24 13.52
H13 A1I03 M . 0.59 2.17 14.80
H12 A1I03 M . -0.77 1.51 15.25
H14 A1I03 M . 0.08 -0.46 14.73
H15 A1I03 M . 4.55 -0.66 16.05
H17 A1I03 M . 3.67 2.70 17.92
H18 A1I03 M . 0.16 1.42 5.66
H21 A1I03 M . -1.69 -0.37 8.79
C13 A1I03 N . -10.07 -1.38 12.18
C14 A1I03 N . -10.20 -2.50 13.01
C1 A1I03 N . -5.97 -2.78 11.01
C2 A1I03 N . -6.55 -2.47 12.37
C3 A1I03 N . -5.73 -1.39 13.09
O1 A1I03 N . -6.30 -0.74 13.97
N1 A1I03 N . -4.42 -1.27 12.82
N5 A1I03 N . -8.02 -2.22 12.44
C12 A1I03 N . -8.74 -1.20 11.89
C15 A1I03 N . -8.94 -2.99 13.19
H19 A1I03 N . -10.78 -0.82 11.92
H20 A1I03 N . -10.99 -2.82 13.40
H2 A1I03 N . -5.14 -3.28 11.11
H3 A1I03 N . -5.79 -1.96 10.52
H1 A1I03 N . -6.60 -3.33 10.50
H4 A1I03 N . -6.42 -3.28 12.88
H5 A1I03 N . -3.75 -2.36 12.82
H18 A1I03 N . -8.40 -0.55 11.31
H21 A1I03 N . -8.72 -3.76 13.68
C FMT O . -24.62 -19.17 35.07
O1 FMT O . -23.57 -18.78 34.59
O2 FMT O . -24.77 -19.46 36.37
H FMT O . -25.38 -19.28 34.49
HO2 FMT O . -25.55 -19.80 36.69
S DMS P . -8.38 -5.41 -3.31
O DMS P . -9.28 -6.64 -3.33
C1 DMS P . -9.41 -3.95 -3.12
C2 DMS P . -7.81 -5.09 -4.98
H11 DMS P . -8.83 -3.17 -3.08
H12 DMS P . -9.89 -4.03 -2.29
H13 DMS P . -10.01 -3.89 -3.87
H21 DMS P . -6.98 -5.57 -5.14
H22 DMS P . -7.66 -4.15 -5.09
H23 DMS P . -8.48 -5.39 -5.60
S DMS Q . 1.58 -25.14 9.62
O DMS Q . 2.28 -24.73 8.33
C1 DMS Q . 2.32 -26.68 10.21
C2 DMS Q . -0.04 -25.78 9.15
H11 DMS Q . 1.89 -26.95 11.04
H12 DMS Q . 3.27 -26.54 10.37
H13 DMS Q . 2.20 -27.37 9.55
H21 DMS Q . -0.55 -25.06 8.74
H22 DMS Q . -0.50 -26.09 9.94
H23 DMS Q . 0.07 -26.50 8.53
C FMT R . 15.15 -0.16 15.70
O1 FMT R . 14.18 -0.34 14.99
O2 FMT R . 16.01 -1.13 16.05
H FMT R . 15.31 0.72 16.04
HO2 FMT R . 16.75 -1.03 16.46
S DMS S . 0.83 2.14 42.02
O DMS S . 1.96 1.16 41.71
C1 DMS S . 0.30 2.90 40.49
C2 DMS S . -0.62 1.14 42.37
H11 DMS S . -0.40 3.55 40.68
H12 DMS S . -0.05 2.22 39.90
H13 DMS S . 1.05 3.34 40.07
H21 DMS S . -0.84 0.61 41.60
H22 DMS S . -1.37 1.73 42.58
H23 DMS S . -0.44 0.57 43.13
C FMT T . -5.83 -24.00 7.96
O1 FMT T . -6.31 -24.17 9.06
O2 FMT T . -4.52 -23.80 7.75
H FMT T . -6.42 -24.03 7.21
HO2 FMT T . -4.23 -23.57 7.00
S DMS U . -6.18 -3.26 37.62
O DMS U . -6.74 -1.86 37.50
C1 DMS U . -5.38 -3.41 39.19
C2 DMS U . -4.68 -3.26 36.65
H11 DMS U . -4.90 -4.26 39.23
H12 DMS U . -6.04 -3.39 39.89
H13 DMS U . -4.76 -2.68 39.32
H21 DMS U . -4.89 -2.99 35.75
H22 DMS U . -4.31 -4.15 36.66
H23 DMS U . -4.05 -2.64 37.04
#